data_8Y96
#
_entry.id   8Y96
#
_cell.length_a   52.688
_cell.length_b   181.029
_cell.length_c   182.777
_cell.angle_alpha   90.00
_cell.angle_beta   90.00
_cell.angle_gamma   90.00
#
_symmetry.space_group_name_H-M   'P 21 21 21'
#
loop_
_entity.id
_entity.type
_entity.pdbx_description
1 polymer 'DegT/DnrJ/EryC1/StrS family aminotransferase'
2 polymer 'DegT/DnrJ/EryC1/StrS aminotransferase'
3 non-polymer 'SULFATE ION'
4 water water
#
loop_
_entity_poly.entity_id
_entity_poly.type
_entity_poly.pdbx_seq_one_letter_code
_entity_poly.pdbx_strand_id
1 'polypeptide(L)'
;MKTDFIMVPTAMPDEKMINYQLAIDGGEPVIPKANRKTIFPNIAKEDLFQMMISVQKPEEMVVSEFAEKYRQRVGAPYAI
PTASGTSSLHLALVGAGVKAGDEVIVPAFTFIATAQAIVAAKAIPVFADIDPQTYCLDPRQLDKKVTARTKAVMPVHVHG
LPADIDALASFCRQHQLALIEDASHAHSATLHGRYCGTFGDAAGQSLMADKNFPLGGEAGIAFFKERESYDRALAFLEES
GLDYRMSWVAAAFGISQLDRLDYYDEIRQRNAQRLIDELATTRLFTGPMIPAAAKHSFNMFRIKINTALPEFKDIPEYKL
KLALQQILNEEGVFAREWQNTLLPFHLPFQNKKGFGKGYPFFLGDSQEYKHEHFPNALQMLRSTLVLCRELRSPVEYEKL
HSYIITFKKVDKNIQRVAEIASQIDDVPPYEKDARLGHHHHHH
;
A,B
2 'polypeptide(L)'
;MGISKTSSDLSEQLFQVSFVLARVLTSGIIMSIEKNENELKGLENILKKTSSKQYAVTFNSISGAVIGSLWGQDIVYGEA
TNQQSLDEQQEKLFKWLGIGHSSLLPEPYTLHAINWGNISNLQKITHEEAHVTLLDFTKLGFGPCAVLLTNNETIYKKSE
RLKIFGAFDLRTMWTQRETEKEIKPGLQFNFRLSPLVGACIKMALIKMGLNKHHHHHH
;
C,D
#
loop_
_chem_comp.id
_chem_comp.type
_chem_comp.name
_chem_comp.formula
SO4 non-polymer 'SULFATE ION' 'O4 S -2'
#
# COMPACT_ATOMS: atom_id res chain seq x y z
N MET A 1 12.38 -4.60 -9.56
CA MET A 1 10.99 -4.08 -9.63
C MET A 1 11.01 -2.56 -9.50
N LYS A 2 10.38 -1.86 -10.47
CA LYS A 2 10.32 -0.41 -10.43
C LYS A 2 9.20 0.01 -9.49
N THR A 3 9.57 0.63 -8.36
CA THR A 3 8.60 1.08 -7.38
C THR A 3 9.01 2.46 -6.85
N ASP A 4 8.00 3.27 -6.50
CA ASP A 4 8.21 4.60 -5.95
C ASP A 4 8.47 4.52 -4.45
N PHE A 5 8.43 3.31 -3.89
CA PHE A 5 8.44 3.13 -2.45
C PHE A 5 9.65 3.83 -1.85
N ILE A 6 9.38 4.75 -0.91
CA ILE A 6 10.40 5.51 -0.20
C ILE A 6 11.00 4.63 0.89
N MET A 7 12.31 4.39 0.81
CA MET A 7 12.99 3.39 1.63
C MET A 7 13.52 3.98 2.94
N VAL A 8 13.57 5.32 3.04
CA VAL A 8 14.08 5.97 4.23
C VAL A 8 12.92 6.69 4.91
N PRO A 9 12.60 6.38 6.19
CA PRO A 9 11.58 7.14 6.92
C PRO A 9 12.13 8.50 7.32
N THR A 10 11.24 9.49 7.45
CA THR A 10 11.62 10.83 7.87
C THR A 10 11.85 10.82 9.37
N ALA A 11 13.04 11.25 9.79
CA ALA A 11 13.37 11.34 11.21
C ALA A 11 12.54 12.45 11.84
N MET A 12 12.22 12.29 13.12
CA MET A 12 11.67 13.40 13.89
C MET A 12 12.77 14.45 13.98
N PRO A 13 12.60 15.64 13.35
CA PRO A 13 13.67 16.65 13.31
C PRO A 13 13.84 17.38 14.63
N ASP A 14 15.07 17.79 14.91
CA ASP A 14 15.38 18.52 16.13
C ASP A 14 14.80 19.94 16.01
N GLU A 15 13.96 20.32 16.98
CA GLU A 15 13.36 21.65 16.98
C GLU A 15 14.45 22.71 17.11
N LYS A 16 15.64 22.27 17.53
CA LYS A 16 16.81 23.12 17.67
C LYS A 16 17.36 23.51 16.30
N MET A 17 16.83 22.94 15.21
CA MET A 17 17.26 23.29 13.86
C MET A 17 16.78 24.69 13.49
N ILE A 18 15.87 25.26 14.28
CA ILE A 18 15.42 26.64 14.07
C ILE A 18 16.62 27.59 14.21
N ASN A 19 17.57 27.22 15.08
CA ASN A 19 18.76 28.02 15.33
C ASN A 19 19.85 27.76 14.29
N TYR A 20 19.68 26.70 13.48
CA TYR A 20 20.73 26.26 12.56
C TYR A 20 20.97 27.31 11.47
N GLN A 21 22.13 27.19 10.83
CA GLN A 21 22.47 27.98 9.65
C GLN A 21 21.57 27.54 8.50
N LEU A 22 21.21 28.51 7.65
CA LEU A 22 20.42 28.25 6.45
C LEU A 22 21.19 27.32 5.52
N ALA A 23 20.45 26.48 4.80
CA ALA A 23 21.05 25.46 3.93
C ALA A 23 21.63 26.12 2.68
N ILE A 24 21.08 27.27 2.28
CA ILE A 24 21.59 28.01 1.14
C ILE A 24 22.97 28.58 1.48
N ASP A 25 23.23 28.82 2.77
CA ASP A 25 24.47 29.42 3.23
C ASP A 25 25.47 28.34 3.64
N GLY A 26 25.05 27.07 3.59
CA GLY A 26 25.93 25.94 3.79
C GLY A 26 25.53 25.07 4.98
N GLY A 27 24.38 25.36 5.60
CA GLY A 27 23.97 24.67 6.81
C GLY A 27 23.27 23.35 6.51
N GLU A 28 22.89 22.65 7.59
CA GLU A 28 22.16 21.40 7.50
C GLU A 28 20.72 21.70 7.11
N PRO A 29 20.20 21.18 5.98
CA PRO A 29 18.79 21.37 5.63
C PRO A 29 17.89 20.71 6.67
N VAL A 30 16.69 21.27 6.85
CA VAL A 30 15.73 20.70 7.79
C VAL A 30 15.33 19.31 7.29
N ILE A 31 15.06 19.22 5.99
CA ILE A 31 14.74 17.96 5.33
C ILE A 31 15.97 17.50 4.55
N PRO A 32 16.60 16.36 4.89
CA PRO A 32 17.69 15.81 4.08
C PRO A 32 17.19 15.42 2.69
N LYS A 33 18.15 15.25 1.75
CA LYS A 33 17.85 14.92 0.36
C LYS A 33 16.95 13.70 0.25
N ALA A 34 17.21 12.70 1.10
CA ALA A 34 16.53 11.42 1.06
C ALA A 34 15.05 11.55 1.41
N ASN A 35 14.67 12.61 2.12
CA ASN A 35 13.31 12.71 2.63
C ASN A 35 12.51 13.77 1.87
N ARG A 36 12.98 14.18 0.68
CA ARG A 36 12.31 15.24 -0.07
C ARG A 36 11.21 14.67 -0.97
N LYS A 37 11.27 13.38 -1.29
CA LYS A 37 10.24 12.74 -2.11
C LYS A 37 8.96 12.57 -1.28
N THR A 38 7.82 12.54 -1.98
CA THR A 38 6.55 12.19 -1.34
C THR A 38 5.68 11.46 -2.37
N ILE A 39 4.86 10.52 -1.89
CA ILE A 39 4.15 9.57 -2.72
C ILE A 39 2.75 10.09 -3.00
N PHE A 40 2.43 10.29 -4.30
CA PHE A 40 1.08 10.67 -4.67
C PHE A 40 0.79 10.23 -6.12
N PRO A 41 -0.38 9.63 -6.39
CA PRO A 41 -1.38 9.27 -5.37
C PRO A 41 -1.00 8.09 -4.48
N ASN A 42 -1.83 7.84 -3.47
CA ASN A 42 -1.57 6.77 -2.51
C ASN A 42 -2.04 5.45 -3.09
N ILE A 43 -1.23 4.87 -3.98
CA ILE A 43 -1.62 3.62 -4.64
C ILE A 43 -1.39 2.47 -3.67
N ALA A 44 -2.51 1.89 -3.19
CA ALA A 44 -2.45 0.80 -2.24
C ALA A 44 -2.89 -0.49 -2.93
N LYS A 45 -2.81 -1.61 -2.19
CA LYS A 45 -3.15 -2.93 -2.70
C LYS A 45 -4.58 -2.98 -3.22
N GLU A 46 -5.47 -2.19 -2.60
CA GLU A 46 -6.88 -2.16 -2.96
C GLU A 46 -7.06 -1.69 -4.40
N ASP A 47 -6.17 -0.82 -4.87
CA ASP A 47 -6.29 -0.24 -6.20
C ASP A 47 -5.90 -1.27 -7.25
N LEU A 48 -4.91 -2.11 -6.95
CA LEU A 48 -4.49 -3.15 -7.88
C LEU A 48 -5.59 -4.19 -8.02
N PHE A 49 -6.19 -4.57 -6.88
CA PHE A 49 -7.25 -5.57 -6.88
C PHE A 49 -8.43 -5.05 -7.69
N GLN A 50 -8.67 -3.73 -7.59
CA GLN A 50 -9.80 -3.09 -8.25
C GLN A 50 -9.67 -3.27 -9.77
N MET A 51 -8.45 -3.17 -10.29
CA MET A 51 -8.22 -3.37 -11.72
C MET A 51 -8.59 -4.79 -12.14
N MET A 52 -8.36 -5.76 -11.26
CA MET A 52 -8.63 -7.16 -11.57
C MET A 52 -10.12 -7.45 -11.44
N ILE A 53 -10.83 -6.62 -10.67
CA ILE A 53 -12.28 -6.70 -10.62
C ILE A 53 -12.85 -6.08 -11.89
N SER A 54 -12.44 -4.84 -12.18
CA SER A 54 -13.09 -4.00 -13.18
C SER A 54 -12.79 -4.47 -14.60
N VAL A 55 -11.69 -5.21 -14.78
CA VAL A 55 -11.23 -5.62 -16.11
C VAL A 55 -12.20 -6.65 -16.70
N GLN A 56 -12.95 -7.32 -15.82
CA GLN A 56 -13.81 -8.42 -16.20
C GLN A 56 -15.19 -7.94 -16.60
N LYS A 57 -15.44 -6.63 -16.52
CA LYS A 57 -16.77 -6.08 -16.73
C LYS A 57 -16.80 -5.25 -18.02
N PRO A 58 -17.99 -5.09 -18.65
CA PRO A 58 -18.16 -4.08 -19.70
C PRO A 58 -17.57 -2.75 -19.28
N GLU A 59 -16.73 -2.17 -20.15
CA GLU A 59 -16.02 -0.93 -19.86
C GLU A 59 -17.01 0.20 -19.56
N GLU A 60 -18.15 0.21 -20.26
CA GLU A 60 -19.18 1.22 -20.04
C GLU A 60 -19.72 1.11 -18.62
N MET A 61 -19.95 -0.13 -18.15
CA MET A 61 -20.51 -0.35 -16.83
C MET A 61 -19.55 0.17 -15.76
N VAL A 62 -18.25 0.02 -16.00
CA VAL A 62 -17.23 0.46 -15.08
C VAL A 62 -17.30 1.98 -14.92
N VAL A 63 -17.37 2.69 -16.06
CA VAL A 63 -17.43 4.15 -16.06
C VAL A 63 -18.75 4.59 -15.42
N SER A 64 -19.83 3.84 -15.68
CA SER A 64 -21.14 4.14 -15.15
C SER A 64 -21.13 3.98 -13.63
N GLU A 65 -20.62 2.83 -13.18
CA GLU A 65 -20.51 2.47 -11.77
C GLU A 65 -19.84 3.60 -11.00
N PHE A 66 -18.67 4.02 -11.48
CA PHE A 66 -17.91 5.09 -10.86
C PHE A 66 -18.74 6.36 -10.78
N ALA A 67 -19.26 6.78 -11.95
CA ALA A 67 -20.00 8.02 -12.08
C ALA A 67 -21.10 8.10 -11.03
N GLU A 68 -21.83 6.99 -10.87
CA GLU A 68 -22.92 6.93 -9.91
C GLU A 68 -22.36 7.07 -8.50
N LYS A 69 -21.37 6.23 -8.16
CA LYS A 69 -20.77 6.22 -6.83
C LYS A 69 -20.36 7.62 -6.41
N TYR A 70 -19.61 8.31 -7.28
CA TYR A 70 -19.09 9.63 -6.94
C TYR A 70 -20.24 10.65 -6.89
N ARG A 71 -21.27 10.44 -7.72
CA ARG A 71 -22.38 11.39 -7.82
C ARG A 71 -23.20 11.43 -6.54
N GLN A 72 -23.55 10.26 -6.01
CA GLN A 72 -24.29 10.17 -4.76
C GLN A 72 -23.53 10.90 -3.66
N ARG A 73 -22.24 10.57 -3.54
CA ARG A 73 -21.39 11.14 -2.49
C ARG A 73 -21.41 12.66 -2.56
N VAL A 74 -21.17 13.21 -3.75
CA VAL A 74 -21.10 14.66 -3.95
C VAL A 74 -22.48 15.27 -3.67
N GLY A 75 -23.53 14.55 -4.07
CA GLY A 75 -24.90 14.98 -3.83
C GLY A 75 -25.45 15.81 -4.99
N ALA A 76 -24.85 15.67 -6.18
CA ALA A 76 -25.40 16.29 -7.37
C ALA A 76 -26.42 15.35 -8.00
N PRO A 77 -27.50 15.88 -8.61
CA PRO A 77 -28.56 15.03 -9.19
C PRO A 77 -28.19 14.35 -10.50
N TYR A 78 -27.32 14.98 -11.30
CA TYR A 78 -26.94 14.47 -12.60
C TYR A 78 -25.44 14.64 -12.81
N ALA A 79 -24.81 13.65 -13.47
CA ALA A 79 -23.38 13.68 -13.72
C ALA A 79 -23.02 12.93 -14.99
N ILE A 80 -22.11 13.51 -15.77
CA ILE A 80 -21.55 12.89 -16.97
C ILE A 80 -20.08 12.59 -16.71
N PRO A 81 -19.62 11.32 -16.80
CA PRO A 81 -18.20 11.01 -16.76
C PRO A 81 -17.54 11.44 -18.08
N THR A 82 -16.23 11.71 -18.01
CA THR A 82 -15.55 12.53 -19.00
C THR A 82 -14.06 12.21 -19.05
N ALA A 83 -13.42 12.54 -20.17
CA ALA A 83 -12.03 12.21 -20.42
C ALA A 83 -11.07 13.11 -19.63
N SER A 84 -11.54 14.30 -19.25
CA SER A 84 -10.70 15.31 -18.64
C SER A 84 -11.55 16.39 -17.96
N GLY A 85 -10.94 17.12 -17.03
CA GLY A 85 -11.60 18.23 -16.38
C GLY A 85 -11.97 19.34 -17.36
N THR A 86 -11.12 19.54 -18.39
CA THR A 86 -11.35 20.59 -19.36
C THR A 86 -12.62 20.28 -20.16
N SER A 87 -12.83 18.99 -20.48
CA SER A 87 -14.02 18.57 -21.22
C SER A 87 -15.27 18.71 -20.34
N SER A 88 -15.15 18.42 -19.04
CA SER A 88 -16.29 18.46 -18.14
C SER A 88 -16.78 19.90 -17.97
N LEU A 89 -15.85 20.87 -18.00
CA LEU A 89 -16.21 22.27 -17.91
C LEU A 89 -16.95 22.68 -19.19
N HIS A 90 -16.43 22.24 -20.34
CA HIS A 90 -17.04 22.51 -21.63
C HIS A 90 -18.50 22.08 -21.61
N LEU A 91 -18.74 20.83 -21.19
CA LEU A 91 -20.10 20.30 -21.06
C LEU A 91 -20.89 21.18 -20.09
N ALA A 92 -20.38 21.32 -18.86
CA ALA A 92 -21.07 22.06 -17.81
C ALA A 92 -21.61 23.37 -18.36
N LEU A 93 -20.77 24.14 -19.06
CA LEU A 93 -21.15 25.44 -19.59
C LEU A 93 -22.28 25.28 -20.60
N VAL A 94 -22.07 24.40 -21.59
CA VAL A 94 -22.97 24.23 -22.72
C VAL A 94 -24.32 23.70 -22.23
N GLY A 95 -24.29 22.71 -21.34
CA GLY A 95 -25.49 22.10 -20.79
C GLY A 95 -26.34 23.11 -20.02
N ALA A 96 -25.67 24.12 -19.45
CA ALA A 96 -26.32 25.19 -18.71
C ALA A 96 -26.73 26.34 -19.62
N GLY A 97 -26.64 26.13 -20.94
CA GLY A 97 -27.29 26.99 -21.92
C GLY A 97 -26.34 28.05 -22.49
N VAL A 98 -25.05 27.96 -22.17
CA VAL A 98 -24.07 28.83 -22.77
C VAL A 98 -24.05 28.54 -24.27
N LYS A 99 -24.03 29.60 -25.08
CA LYS A 99 -24.15 29.48 -26.52
C LYS A 99 -23.17 30.44 -27.20
N ALA A 100 -22.95 30.20 -28.49
CA ALA A 100 -21.96 30.93 -29.27
C ALA A 100 -22.17 32.43 -29.10
N GLY A 101 -21.08 33.16 -28.86
CA GLY A 101 -21.12 34.62 -28.78
C GLY A 101 -21.37 35.12 -27.37
N ASP A 102 -21.89 34.25 -26.48
CA ASP A 102 -22.14 34.62 -25.10
C ASP A 102 -20.83 35.02 -24.43
N GLU A 103 -20.96 35.68 -23.27
CA GLU A 103 -19.82 36.06 -22.45
C GLU A 103 -19.94 35.39 -21.08
N VAL A 104 -18.81 34.85 -20.61
CA VAL A 104 -18.71 34.26 -19.29
C VAL A 104 -17.72 35.10 -18.48
N ILE A 105 -18.09 35.41 -17.24
CA ILE A 105 -17.19 36.11 -16.33
C ILE A 105 -16.35 35.07 -15.61
N VAL A 106 -15.01 35.22 -15.71
CA VAL A 106 -14.07 34.29 -15.10
C VAL A 106 -12.96 35.07 -14.40
N PRO A 107 -12.41 34.54 -13.29
CA PRO A 107 -11.21 35.11 -12.69
C PRO A 107 -10.03 35.05 -13.66
N ALA A 108 -9.16 36.07 -13.60
CA ALA A 108 -7.95 36.11 -14.41
C ALA A 108 -6.92 35.14 -13.89
N PHE A 109 -7.04 34.78 -12.60
CA PHE A 109 -6.17 33.80 -11.99
C PHE A 109 -6.92 32.46 -11.90
N THR A 110 -6.58 31.57 -12.82
CA THR A 110 -6.95 30.16 -12.75
C THR A 110 -6.11 29.42 -13.77
N PHE A 111 -6.33 28.11 -13.87
CA PHE A 111 -5.64 27.30 -14.86
C PHE A 111 -6.23 27.63 -16.23
N ILE A 112 -5.38 27.54 -17.26
CA ILE A 112 -5.78 27.80 -18.64
C ILE A 112 -7.04 27.01 -19.00
N ALA A 113 -7.18 25.80 -18.46
CA ALA A 113 -8.28 24.90 -18.81
C ALA A 113 -9.64 25.59 -18.63
N THR A 114 -9.77 26.42 -17.59
CA THR A 114 -11.05 27.06 -17.27
C THR A 114 -11.53 27.83 -18.49
N ALA A 115 -10.67 28.72 -18.99
CA ALA A 115 -11.03 29.61 -20.08
C ALA A 115 -11.14 28.83 -21.39
N GLN A 116 -10.28 27.81 -21.57
CA GLN A 116 -10.26 27.04 -22.80
C GLN A 116 -11.57 26.27 -22.96
N ALA A 117 -12.19 25.88 -21.84
CA ALA A 117 -13.51 25.28 -21.86
C ALA A 117 -14.55 26.30 -22.32
N ILE A 118 -14.38 27.55 -21.87
CA ILE A 118 -15.26 28.65 -22.28
C ILE A 118 -15.15 28.86 -23.79
N VAL A 119 -13.91 28.95 -24.28
CA VAL A 119 -13.66 29.19 -25.70
C VAL A 119 -14.12 27.98 -26.51
N ALA A 120 -14.10 26.78 -25.90
CA ALA A 120 -14.60 25.58 -26.55
C ALA A 120 -16.13 25.63 -26.69
N ALA A 121 -16.81 26.31 -25.76
CA ALA A 121 -18.24 26.54 -25.85
C ALA A 121 -18.53 27.71 -26.79
N LYS A 122 -17.49 28.18 -27.50
CA LYS A 122 -17.61 29.24 -28.49
C LYS A 122 -17.98 30.55 -27.81
N ALA A 123 -17.72 30.64 -26.50
CA ALA A 123 -18.05 31.82 -25.70
C ALA A 123 -16.79 32.64 -25.47
N ILE A 124 -16.98 33.89 -25.01
CA ILE A 124 -15.89 34.85 -24.87
C ILE A 124 -15.61 35.06 -23.39
N PRO A 125 -14.36 34.83 -22.90
CA PRO A 125 -14.06 34.96 -21.48
C PRO A 125 -13.96 36.45 -21.12
N VAL A 126 -14.66 36.83 -20.05
CA VAL A 126 -14.53 38.15 -19.46
C VAL A 126 -13.77 37.99 -18.15
N PHE A 127 -12.56 38.54 -18.09
CA PHE A 127 -11.63 38.31 -17.00
C PHE A 127 -11.80 39.38 -15.91
N ALA A 128 -11.93 38.92 -14.67
CA ALA A 128 -12.15 39.77 -13.51
C ALA A 128 -11.02 39.59 -12.50
N ASP A 129 -10.81 40.60 -11.66
CA ASP A 129 -9.81 40.56 -10.60
C ASP A 129 -10.30 39.62 -9.52
N ILE A 130 -9.42 39.32 -8.55
CA ILE A 130 -9.72 38.39 -7.48
C ILE A 130 -9.65 39.10 -6.13
N ASP A 131 -10.34 38.51 -5.13
CA ASP A 131 -10.18 38.87 -3.74
C ASP A 131 -8.73 38.60 -3.34
N PRO A 132 -8.07 39.45 -2.52
CA PRO A 132 -6.66 39.24 -2.20
C PRO A 132 -6.39 38.26 -1.06
N GLN A 133 -7.45 37.61 -0.56
CA GLN A 133 -7.34 36.72 0.59
C GLN A 133 -7.79 35.30 0.22
N THR A 134 -8.98 35.17 -0.39
CA THR A 134 -9.47 33.88 -0.87
C THR A 134 -8.78 33.52 -2.18
N TYR A 135 -8.39 34.55 -2.96
CA TYR A 135 -7.76 34.38 -4.25
C TYR A 135 -8.80 33.92 -5.29
N CYS A 136 -10.08 33.97 -4.89
CA CYS A 136 -11.18 33.58 -5.76
C CYS A 136 -11.72 34.80 -6.48
N LEU A 137 -12.62 34.55 -7.45
CA LEU A 137 -13.27 35.59 -8.23
C LEU A 137 -13.85 36.65 -7.30
N ASP A 138 -13.51 37.92 -7.55
CA ASP A 138 -13.91 39.01 -6.69
C ASP A 138 -15.35 39.41 -6.99
N PRO A 139 -16.31 39.25 -6.05
CA PRO A 139 -17.72 39.58 -6.31
C PRO A 139 -18.02 41.07 -6.47
N ARG A 140 -17.10 41.93 -6.04
CA ARG A 140 -17.30 43.37 -6.10
C ARG A 140 -17.06 43.87 -7.53
N GLN A 141 -15.97 43.36 -8.15
CA GLN A 141 -15.57 43.78 -9.48
C GLN A 141 -16.37 43.01 -10.53
N LEU A 142 -17.70 43.03 -10.40
CA LEU A 142 -18.60 42.29 -11.29
C LEU A 142 -19.67 43.20 -11.89
N ASP A 143 -19.98 44.34 -11.24
CA ASP A 143 -20.84 45.34 -11.83
C ASP A 143 -20.31 45.70 -13.22
N LYS A 144 -19.08 46.22 -13.26
CA LYS A 144 -18.51 46.79 -14.48
C LYS A 144 -17.96 45.70 -15.40
N LYS A 145 -18.74 44.63 -15.60
CA LYS A 145 -18.32 43.47 -16.39
C LYS A 145 -19.50 42.87 -17.17
N VAL A 146 -20.71 42.90 -16.57
CA VAL A 146 -21.93 42.47 -17.24
C VAL A 146 -22.18 43.33 -18.48
N THR A 147 -22.56 42.65 -19.57
CA THR A 147 -23.07 43.31 -20.77
C THR A 147 -24.35 42.59 -21.20
N ALA A 148 -24.84 42.92 -22.40
CA ALA A 148 -25.97 42.22 -22.98
C ALA A 148 -25.60 40.77 -23.30
N ARG A 149 -24.31 40.53 -23.53
CA ARG A 149 -23.80 39.24 -24.00
C ARG A 149 -23.60 38.29 -22.81
N THR A 150 -23.31 38.85 -21.64
CA THR A 150 -23.03 38.07 -20.44
C THR A 150 -24.14 37.05 -20.21
N LYS A 151 -23.75 35.76 -20.21
CA LYS A 151 -24.70 34.67 -20.00
C LYS A 151 -24.45 33.98 -18.66
N ALA A 152 -23.18 33.92 -18.20
CA ALA A 152 -22.84 33.11 -17.05
C ALA A 152 -21.62 33.65 -16.32
N VAL A 153 -21.52 33.30 -15.02
CA VAL A 153 -20.36 33.55 -14.20
C VAL A 153 -19.76 32.21 -13.79
N MET A 154 -18.43 32.08 -13.97
CA MET A 154 -17.74 30.83 -13.76
C MET A 154 -16.70 31.03 -12.65
N PRO A 155 -17.09 30.87 -11.37
CA PRO A 155 -16.13 30.94 -10.27
C PRO A 155 -15.27 29.69 -10.15
N VAL A 156 -13.96 29.87 -10.01
CA VAL A 156 -13.03 28.79 -9.73
C VAL A 156 -12.83 28.71 -8.22
N HIS A 157 -13.03 27.52 -7.66
CA HIS A 157 -12.68 27.22 -6.28
C HIS A 157 -11.18 26.93 -6.20
N VAL A 158 -10.37 27.97 -6.40
CA VAL A 158 -8.95 27.79 -6.63
C VAL A 158 -8.30 27.29 -5.35
N HIS A 159 -7.27 26.45 -5.53
CA HIS A 159 -6.51 25.86 -4.43
C HIS A 159 -7.34 24.84 -3.66
N GLY A 160 -8.67 24.86 -3.86
CA GLY A 160 -9.58 23.99 -3.13
C GLY A 160 -10.40 24.76 -2.09
N LEU A 161 -10.33 26.11 -2.13
CA LEU A 161 -11.14 26.95 -1.26
C LEU A 161 -12.45 27.27 -1.97
N PRO A 162 -13.61 26.99 -1.35
CA PRO A 162 -14.91 27.45 -1.88
C PRO A 162 -14.93 28.95 -2.11
N ALA A 163 -15.35 29.36 -3.31
CA ALA A 163 -15.50 30.77 -3.64
C ALA A 163 -16.82 31.29 -3.06
N ASP A 164 -17.12 32.56 -3.34
CA ASP A 164 -18.21 33.26 -2.67
C ASP A 164 -19.52 32.97 -3.40
N ILE A 165 -20.00 31.72 -3.30
CA ILE A 165 -21.20 31.28 -3.99
C ILE A 165 -22.36 32.17 -3.56
N ASP A 166 -22.51 32.35 -2.24
CA ASP A 166 -23.55 33.18 -1.66
C ASP A 166 -23.62 34.51 -2.40
N ALA A 167 -22.46 35.19 -2.50
CA ALA A 167 -22.40 36.51 -3.11
C ALA A 167 -22.55 36.45 -4.63
N LEU A 168 -21.98 35.42 -5.26
CA LEU A 168 -21.96 35.32 -6.71
C LEU A 168 -23.28 34.75 -7.24
N ALA A 169 -23.95 33.93 -6.44
CA ALA A 169 -25.25 33.36 -6.83
C ALA A 169 -26.30 34.46 -6.90
N SER A 170 -26.36 35.33 -5.89
CA SER A 170 -27.33 36.41 -5.86
C SER A 170 -27.07 37.39 -7.01
N PHE A 171 -25.80 37.54 -7.41
CA PHE A 171 -25.44 38.42 -8.51
C PHE A 171 -25.95 37.83 -9.83
N CYS A 172 -25.75 36.52 -10.01
CA CYS A 172 -26.24 35.83 -11.18
C CYS A 172 -27.76 35.96 -11.27
N ARG A 173 -28.44 35.76 -10.13
CA ARG A 173 -29.90 35.76 -10.08
C ARG A 173 -30.40 37.17 -10.42
N GLN A 174 -29.72 38.20 -9.88
CA GLN A 174 -30.09 39.59 -10.08
C GLN A 174 -29.94 39.98 -11.54
N HIS A 175 -28.92 39.44 -12.24
CA HIS A 175 -28.67 39.78 -13.63
C HIS A 175 -29.10 38.64 -14.56
N GLN A 176 -29.79 37.64 -14.01
CA GLN A 176 -30.31 36.49 -14.77
C GLN A 176 -29.18 35.84 -15.57
N LEU A 177 -28.14 35.40 -14.86
CA LEU A 177 -27.01 34.70 -15.45
C LEU A 177 -26.95 33.30 -14.85
N ALA A 178 -26.15 32.41 -15.46
CA ALA A 178 -25.94 31.08 -14.91
C ALA A 178 -24.63 31.04 -14.13
N LEU A 179 -24.55 30.13 -13.15
CA LEU A 179 -23.33 29.94 -12.37
C LEU A 179 -22.77 28.55 -12.67
N ILE A 180 -21.59 28.52 -13.31
CA ILE A 180 -20.88 27.29 -13.60
C ILE A 180 -19.62 27.25 -12.75
N GLU A 181 -19.48 26.18 -11.94
CA GLU A 181 -18.35 26.07 -11.01
C GLU A 181 -17.22 25.25 -11.63
N ASP A 182 -16.01 25.83 -11.62
CA ASP A 182 -14.80 25.05 -11.77
C ASP A 182 -14.40 24.55 -10.39
N ALA A 183 -14.59 23.24 -10.16
CA ALA A 183 -14.32 22.63 -8.86
C ALA A 183 -13.13 21.67 -8.96
N SER A 184 -12.20 21.99 -9.88
CA SER A 184 -11.14 21.06 -10.27
C SER A 184 -10.13 20.85 -9.15
N HIS A 185 -10.08 21.78 -8.18
CA HIS A 185 -9.17 21.66 -7.06
C HIS A 185 -9.91 21.31 -5.77
N ALA A 186 -11.24 21.25 -5.83
CA ALA A 186 -12.08 21.42 -4.65
C ALA A 186 -12.79 20.13 -4.27
N HIS A 187 -12.16 18.99 -4.55
CA HIS A 187 -12.71 17.70 -4.17
C HIS A 187 -12.87 17.70 -2.64
N SER A 188 -14.09 17.44 -2.18
CA SER A 188 -14.39 17.28 -0.75
C SER A 188 -14.47 18.63 -0.03
N ALA A 189 -14.36 19.75 -0.75
CA ALA A 189 -14.49 21.07 -0.16
C ALA A 189 -15.96 21.43 0.00
N THR A 190 -16.35 21.91 1.19
CA THR A 190 -17.74 22.21 1.49
C THR A 190 -17.93 23.72 1.69
N LEU A 191 -19.17 24.17 1.50
CA LEU A 191 -19.63 25.48 1.92
C LEU A 191 -21.04 25.30 2.48
N HIS A 192 -21.23 25.71 3.74
CA HIS A 192 -22.44 25.42 4.50
C HIS A 192 -22.69 23.92 4.54
N GLY A 193 -21.61 23.12 4.53
CA GLY A 193 -21.70 21.67 4.64
C GLY A 193 -22.13 20.98 3.35
N ARG A 194 -21.98 21.68 2.20
CA ARG A 194 -22.34 21.12 0.92
C ARG A 194 -21.14 21.14 -0.02
N TYR A 195 -20.83 19.98 -0.63
CA TYR A 195 -19.65 19.82 -1.47
C TYR A 195 -19.72 20.76 -2.67
N CYS A 196 -18.60 21.41 -2.98
CA CYS A 196 -18.47 22.20 -4.19
C CYS A 196 -18.88 21.35 -5.40
N GLY A 197 -19.73 21.92 -6.26
CA GLY A 197 -20.19 21.25 -7.47
C GLY A 197 -21.72 21.12 -7.52
N THR A 198 -22.40 21.40 -6.40
CA THR A 198 -23.85 21.29 -6.32
C THR A 198 -24.50 22.68 -6.37
N PHE A 199 -23.69 23.74 -6.25
CA PHE A 199 -24.20 25.09 -6.09
C PHE A 199 -24.66 25.66 -7.42
N GLY A 200 -23.83 25.49 -8.46
CA GLY A 200 -24.08 26.10 -9.75
C GLY A 200 -25.18 25.36 -10.52
N ASP A 201 -25.56 25.92 -11.67
CA ASP A 201 -26.49 25.26 -12.57
C ASP A 201 -25.79 24.05 -13.17
N ALA A 202 -24.47 24.17 -13.37
CA ALA A 202 -23.61 23.04 -13.64
C ALA A 202 -22.21 23.30 -13.08
N ALA A 203 -21.39 22.24 -13.06
CA ALA A 203 -20.00 22.33 -12.62
C ALA A 203 -19.17 21.27 -13.31
N GLY A 204 -17.94 21.65 -13.70
CA GLY A 204 -16.95 20.68 -14.15
C GLY A 204 -15.90 20.44 -13.07
N GLN A 205 -15.29 19.25 -13.10
CA GLN A 205 -14.32 18.87 -12.08
C GLN A 205 -13.30 17.91 -12.69
N SER A 206 -12.03 18.34 -12.72
CA SER A 206 -10.93 17.46 -13.05
C SER A 206 -10.85 16.32 -12.04
N LEU A 207 -10.53 15.12 -12.55
CA LEU A 207 -10.30 13.97 -11.71
C LEU A 207 -8.96 13.36 -12.14
N MET A 208 -8.00 14.23 -12.50
CA MET A 208 -6.68 13.80 -12.90
C MET A 208 -5.94 13.24 -11.67
N ALA A 209 -4.86 12.50 -11.91
CA ALA A 209 -4.08 11.87 -10.85
C ALA A 209 -3.32 12.88 -9.99
N ASP A 210 -3.35 14.17 -10.36
CA ASP A 210 -2.72 15.22 -9.56
C ASP A 210 -3.73 15.94 -8.67
N LYS A 211 -4.95 15.38 -8.52
CA LYS A 211 -5.98 15.99 -7.69
C LYS A 211 -6.18 15.16 -6.44
N ASN A 212 -6.71 15.81 -5.39
CA ASN A 212 -6.82 15.21 -4.06
C ASN A 212 -7.59 13.89 -4.14
N PHE A 213 -8.62 13.84 -5.01
CA PHE A 213 -9.30 12.61 -5.36
C PHE A 213 -8.89 12.22 -6.77
N PRO A 214 -7.94 11.28 -6.93
CA PRO A 214 -7.37 10.96 -8.25
C PRO A 214 -7.92 9.70 -8.90
N LEU A 215 -8.22 9.81 -10.20
CA LEU A 215 -8.49 8.65 -11.04
C LEU A 215 -7.19 8.26 -11.75
N GLY A 216 -7.23 7.15 -12.48
CA GLY A 216 -6.02 6.52 -12.99
C GLY A 216 -5.44 7.20 -14.22
N GLY A 217 -5.19 8.51 -14.12
CA GLY A 217 -4.57 9.27 -15.20
C GLY A 217 -5.33 10.55 -15.49
N GLU A 218 -5.87 10.64 -16.71
CA GLU A 218 -6.68 11.77 -17.13
C GLU A 218 -8.15 11.38 -16.98
N ALA A 219 -8.95 12.30 -16.43
CA ALA A 219 -10.36 12.05 -16.19
C ALA A 219 -11.07 13.32 -15.74
N GLY A 220 -12.39 13.35 -15.92
CA GLY A 220 -13.22 14.45 -15.49
C GLY A 220 -14.63 14.00 -15.13
N ILE A 221 -15.42 14.92 -14.58
CA ILE A 221 -16.84 14.70 -14.35
C ILE A 221 -17.54 16.06 -14.33
N ALA A 222 -18.72 16.11 -14.97
CA ALA A 222 -19.54 17.29 -14.99
C ALA A 222 -20.82 17.04 -14.20
N PHE A 223 -21.19 18.00 -13.34
CA PHE A 223 -22.41 17.93 -12.54
C PHE A 223 -23.39 18.98 -13.04
N PHE A 224 -24.68 18.61 -13.10
CA PHE A 224 -25.73 19.53 -13.50
C PHE A 224 -26.85 19.49 -12.46
N LYS A 225 -27.43 20.66 -12.17
CA LYS A 225 -28.47 20.77 -11.14
C LYS A 225 -29.78 20.20 -11.67
N GLU A 226 -30.27 20.73 -12.79
CA GLU A 226 -31.57 20.34 -13.33
C GLU A 226 -31.38 19.45 -14.56
N ARG A 227 -32.39 18.60 -14.82
CA ARG A 227 -32.33 17.56 -15.84
C ARG A 227 -32.30 18.18 -17.24
N GLU A 228 -32.95 19.33 -17.41
CA GLU A 228 -32.88 20.08 -18.66
C GLU A 228 -31.42 20.19 -19.08
N SER A 229 -30.56 20.63 -18.15
CA SER A 229 -29.17 20.94 -18.44
C SER A 229 -28.39 19.68 -18.81
N TYR A 230 -28.61 18.61 -18.05
CA TYR A 230 -27.99 17.32 -18.31
C TYR A 230 -28.26 16.88 -19.75
N ASP A 231 -29.53 16.99 -20.18
CA ASP A 231 -29.97 16.50 -21.47
C ASP A 231 -29.38 17.35 -22.60
N ARG A 232 -29.23 18.65 -22.36
CA ARG A 232 -28.67 19.56 -23.35
C ARG A 232 -27.22 19.19 -23.64
N ALA A 233 -26.46 18.91 -22.57
CA ALA A 233 -25.06 18.49 -22.68
C ALA A 233 -24.97 17.14 -23.40
N LEU A 234 -25.86 16.20 -23.04
CA LEU A 234 -25.90 14.90 -23.70
C LEU A 234 -26.17 15.10 -25.20
N ALA A 235 -27.07 16.03 -25.54
CA ALA A 235 -27.45 16.26 -26.92
C ALA A 235 -26.31 16.93 -27.69
N PHE A 236 -25.52 17.76 -26.98
CA PHE A 236 -24.37 18.41 -27.58
C PHE A 236 -23.35 17.36 -28.06
N LEU A 237 -23.15 16.31 -27.26
CA LEU A 237 -22.22 15.24 -27.64
C LEU A 237 -22.71 14.58 -28.93
N GLU A 238 -24.03 14.37 -29.03
CA GLU A 238 -24.63 13.78 -30.22
C GLU A 238 -24.35 14.66 -31.43
N GLU A 239 -24.63 15.96 -31.29
CA GLU A 239 -24.53 16.90 -32.39
C GLU A 239 -23.07 17.19 -32.77
N SER A 240 -22.20 17.34 -31.76
CA SER A 240 -20.85 17.83 -31.96
C SER A 240 -19.96 16.77 -32.61
N GLY A 241 -20.19 15.49 -32.25
CA GLY A 241 -19.35 14.40 -32.72
C GLY A 241 -18.07 14.29 -31.91
N LEU A 242 -18.01 15.01 -30.79
CA LEU A 242 -16.88 14.95 -29.88
C LEU A 242 -16.98 13.69 -29.04
N ASP A 243 -15.85 12.97 -28.93
CA ASP A 243 -15.73 11.85 -28.02
C ASP A 243 -14.96 12.30 -26.78
N TYR A 244 -15.70 12.55 -25.69
CA TYR A 244 -15.15 13.03 -24.43
C TYR A 244 -15.30 11.96 -23.35
N ARG A 245 -15.39 10.69 -23.75
CA ARG A 245 -15.70 9.61 -22.83
C ARG A 245 -14.49 9.30 -21.94
N MET A 246 -14.77 8.69 -20.79
CA MET A 246 -13.77 8.36 -19.79
C MET A 246 -13.25 6.95 -20.06
N SER A 247 -11.99 6.72 -19.69
CA SER A 247 -11.39 5.39 -19.71
C SER A 247 -11.87 4.60 -18.49
N TRP A 248 -12.24 3.32 -18.69
CA TRP A 248 -12.63 2.46 -17.59
C TRP A 248 -11.44 2.27 -16.65
N VAL A 249 -10.24 2.19 -17.23
CA VAL A 249 -9.02 2.04 -16.46
C VAL A 249 -8.91 3.21 -15.48
N ALA A 250 -9.17 4.42 -15.98
CA ALA A 250 -9.16 5.62 -15.14
C ALA A 250 -10.26 5.51 -14.08
N ALA A 251 -11.43 5.03 -14.51
CA ALA A 251 -12.61 4.94 -13.67
C ALA A 251 -12.40 3.94 -12.53
N ALA A 252 -11.77 2.80 -12.85
CA ALA A 252 -11.54 1.75 -11.88
C ALA A 252 -10.77 2.29 -10.68
N PHE A 253 -9.73 3.09 -10.98
CA PHE A 253 -8.89 3.66 -9.94
C PHE A 253 -9.72 4.60 -9.07
N GLY A 254 -10.63 5.35 -9.69
CA GLY A 254 -11.56 6.21 -8.97
C GLY A 254 -12.37 5.42 -7.94
N ILE A 255 -12.89 4.26 -8.34
CA ILE A 255 -13.78 3.45 -7.51
C ILE A 255 -13.09 3.12 -6.20
N SER A 256 -11.88 2.54 -6.29
CA SER A 256 -11.13 2.10 -5.14
C SER A 256 -10.66 3.30 -4.30
N GLN A 257 -10.25 4.37 -4.99
CA GLN A 257 -9.73 5.56 -4.33
C GLN A 257 -10.83 6.22 -3.51
N LEU A 258 -12.09 6.06 -3.95
CA LEU A 258 -13.21 6.74 -3.31
C LEU A 258 -13.48 6.17 -1.92
N ASP A 259 -13.34 4.85 -1.77
CA ASP A 259 -13.55 4.19 -0.50
C ASP A 259 -12.58 4.69 0.57
N ARG A 260 -11.42 5.24 0.16
CA ARG A 260 -10.38 5.65 1.11
C ARG A 260 -10.23 7.17 1.14
N LEU A 261 -11.10 7.92 0.45
CA LEU A 261 -10.88 9.34 0.27
C LEU A 261 -11.09 10.11 1.58
N ASP A 262 -11.98 9.62 2.46
CA ASP A 262 -12.27 10.34 3.68
C ASP A 262 -11.09 10.23 4.65
N TYR A 263 -10.42 9.09 4.62
CA TYR A 263 -9.22 8.87 5.43
C TYR A 263 -8.15 9.88 5.04
N TYR A 264 -7.79 9.91 3.75
CA TYR A 264 -6.74 10.79 3.26
C TYR A 264 -7.13 12.25 3.46
N ASP A 265 -8.43 12.57 3.32
CA ASP A 265 -8.93 13.92 3.51
C ASP A 265 -8.67 14.39 4.94
N GLU A 266 -8.93 13.49 5.90
CA GLU A 266 -8.81 13.81 7.32
C GLU A 266 -7.38 14.25 7.65
N ILE A 267 -6.38 13.53 7.14
CA ILE A 267 -4.99 13.87 7.37
C ILE A 267 -4.68 15.19 6.67
N ARG A 268 -5.09 15.32 5.41
CA ARG A 268 -4.94 16.57 4.68
C ARG A 268 -5.38 17.73 5.57
N GLN A 269 -6.58 17.60 6.19
CA GLN A 269 -7.20 18.67 6.94
C GLN A 269 -6.42 19.04 8.20
N ARG A 270 -6.07 18.03 9.01
CA ARG A 270 -5.35 18.26 10.24
C ARG A 270 -3.96 18.83 9.94
N ASN A 271 -3.30 18.29 8.91
CA ASN A 271 -1.97 18.74 8.53
C ASN A 271 -2.00 20.24 8.24
N ALA A 272 -2.94 20.65 7.37
CA ALA A 272 -2.99 22.02 6.89
C ALA A 272 -3.40 22.98 8.02
N GLN A 273 -4.33 22.53 8.87
CA GLN A 273 -4.81 23.35 9.97
C GLN A 273 -3.66 23.62 10.94
N ARG A 274 -2.96 22.55 11.32
CA ARG A 274 -1.78 22.64 12.17
C ARG A 274 -0.81 23.67 11.61
N LEU A 275 -0.58 23.61 10.28
CA LEU A 275 0.41 24.44 9.63
C LEU A 275 -0.04 25.90 9.60
N ILE A 276 -1.35 26.13 9.49
CA ILE A 276 -1.89 27.48 9.53
C ILE A 276 -1.60 28.10 10.90
N ASP A 277 -1.95 27.38 11.96
CA ASP A 277 -1.78 27.85 13.34
C ASP A 277 -0.33 28.21 13.62
N GLU A 278 0.59 27.34 13.18
CA GLU A 278 2.00 27.52 13.44
C GLU A 278 2.54 28.70 12.64
N LEU A 279 2.13 28.80 11.37
CA LEU A 279 2.56 29.88 10.51
C LEU A 279 2.10 31.22 11.08
N ALA A 280 1.00 31.19 11.85
CA ALA A 280 0.46 32.38 12.48
C ALA A 280 1.42 32.99 13.51
N THR A 281 2.26 32.14 14.13
CA THR A 281 3.19 32.59 15.15
C THR A 281 4.40 33.30 14.51
N THR A 282 4.57 33.17 13.19
CA THR A 282 5.73 33.73 12.51
C THR A 282 5.47 35.21 12.20
N ARG A 283 6.54 35.96 11.91
CA ARG A 283 6.44 37.33 11.44
C ARG A 283 6.17 37.36 9.94
N LEU A 284 6.72 36.37 9.21
CA LEU A 284 6.98 36.50 7.79
C LEU A 284 5.97 35.75 6.93
N PHE A 285 5.23 34.79 7.51
CA PHE A 285 4.38 33.89 6.74
C PHE A 285 2.98 33.84 7.33
N THR A 286 1.96 33.86 6.45
CA THR A 286 0.59 33.60 6.85
C THR A 286 -0.02 32.57 5.89
N GLY A 287 -0.71 31.58 6.47
CA GLY A 287 -1.41 30.56 5.69
C GLY A 287 -2.66 31.14 5.04
N PRO A 288 -3.41 30.33 4.25
CA PRO A 288 -4.61 30.82 3.59
C PRO A 288 -5.71 31.19 4.58
N MET A 289 -6.44 32.26 4.26
CA MET A 289 -7.65 32.64 4.98
C MET A 289 -8.78 31.71 4.56
N ILE A 290 -9.68 31.39 5.50
CA ILE A 290 -10.80 30.49 5.25
C ILE A 290 -12.06 31.10 5.85
N PRO A 291 -13.06 31.52 5.02
CA PRO A 291 -14.40 31.85 5.54
C PRO A 291 -14.95 30.75 6.44
N ALA A 292 -15.68 31.14 7.49
CA ALA A 292 -16.04 30.24 8.57
C ALA A 292 -17.10 29.22 8.13
N ALA A 293 -17.72 29.47 6.97
CA ALA A 293 -18.70 28.55 6.40
C ALA A 293 -18.00 27.43 5.63
N ALA A 294 -16.77 27.70 5.17
CA ALA A 294 -16.09 26.87 4.20
C ALA A 294 -15.18 25.85 4.88
N LYS A 295 -14.98 24.71 4.20
CA LYS A 295 -13.89 23.80 4.49
C LYS A 295 -12.97 23.75 3.25
N HIS A 296 -11.66 23.82 3.48
CA HIS A 296 -10.66 23.87 2.42
C HIS A 296 -10.25 22.44 2.07
N SER A 297 -10.01 22.18 0.78
CA SER A 297 -9.57 20.86 0.33
C SER A 297 -8.06 20.73 0.50
N PHE A 298 -7.38 21.87 0.41
CA PHE A 298 -5.95 21.99 0.64
C PHE A 298 -5.20 21.21 -0.44
N ASN A 299 -5.74 21.24 -1.67
CA ASN A 299 -5.07 20.71 -2.83
C ASN A 299 -3.79 21.49 -3.06
N MET A 300 -3.85 22.80 -2.78
CA MET A 300 -2.69 23.68 -2.77
C MET A 300 -2.79 24.62 -1.58
N PHE A 301 -1.62 25.06 -1.10
CA PHE A 301 -1.52 25.83 0.11
C PHE A 301 -0.72 27.09 -0.21
N ARG A 302 -1.41 28.22 -0.39
CA ARG A 302 -0.77 29.47 -0.74
C ARG A 302 -0.48 30.26 0.54
N ILE A 303 0.78 30.67 0.70
CA ILE A 303 1.25 31.34 1.89
C ILE A 303 1.52 32.80 1.54
N LYS A 304 1.11 33.72 2.42
CA LYS A 304 1.29 35.14 2.22
C LYS A 304 2.59 35.58 2.88
N ILE A 305 3.45 36.27 2.12
CA ILE A 305 4.69 36.84 2.63
C ILE A 305 4.42 38.29 3.02
N ASN A 306 4.77 38.66 4.26
CA ASN A 306 4.76 40.05 4.68
C ASN A 306 5.98 40.74 4.07
N THR A 307 5.79 41.37 2.90
CA THR A 307 6.88 41.97 2.16
C THR A 307 7.14 43.39 2.68
N ALA A 308 6.30 43.85 3.61
CA ALA A 308 6.38 45.21 4.13
C ALA A 308 7.07 45.24 5.49
N LEU A 309 7.69 44.12 5.90
CA LEU A 309 8.52 44.12 7.10
C LEU A 309 9.65 45.11 6.90
N PRO A 310 10.06 45.86 7.96
CA PRO A 310 11.07 46.91 7.82
C PRO A 310 12.33 46.48 7.07
N GLU A 311 12.74 45.23 7.25
CA GLU A 311 13.98 44.71 6.69
C GLU A 311 13.96 44.75 5.16
N PHE A 312 12.77 44.78 4.55
CA PHE A 312 12.63 44.68 3.11
C PHE A 312 12.35 46.04 2.48
N LYS A 313 13.06 47.08 2.94
CA LYS A 313 12.63 48.46 2.73
C LYS A 313 12.54 48.78 1.23
N ASP A 314 13.67 48.76 0.54
CA ASP A 314 13.70 49.15 -0.88
C ASP A 314 13.94 47.92 -1.74
N ILE A 315 13.45 46.76 -1.29
CA ILE A 315 13.59 45.52 -2.03
C ILE A 315 12.23 45.21 -2.66
N PRO A 316 12.15 45.11 -4.01
CA PRO A 316 10.89 44.77 -4.68
C PRO A 316 10.42 43.37 -4.33
N GLU A 317 9.10 43.19 -4.22
CA GLU A 317 8.51 41.99 -3.64
C GLU A 317 8.95 40.72 -4.39
N TYR A 318 9.17 40.84 -5.71
CA TYR A 318 9.48 39.69 -6.54
C TYR A 318 10.85 39.14 -6.19
N LYS A 319 11.76 40.01 -5.72
CA LYS A 319 13.08 39.60 -5.28
C LYS A 319 13.00 38.90 -3.93
N LEU A 320 12.05 39.30 -3.08
CA LEU A 320 11.81 38.65 -1.81
C LEU A 320 11.25 37.25 -2.05
N LYS A 321 10.27 37.16 -2.96
CA LYS A 321 9.60 35.92 -3.28
C LYS A 321 10.61 34.91 -3.84
N LEU A 322 11.49 35.38 -4.74
CA LEU A 322 12.46 34.53 -5.39
C LEU A 322 13.49 34.03 -4.37
N ALA A 323 13.87 34.88 -3.43
CA ALA A 323 14.85 34.52 -2.42
C ALA A 323 14.29 33.46 -1.48
N LEU A 324 13.04 33.66 -1.04
CA LEU A 324 12.42 32.72 -0.10
C LEU A 324 12.24 31.36 -0.75
N GLN A 325 11.93 31.34 -2.04
CA GLN A 325 11.87 30.11 -2.82
C GLN A 325 13.20 29.36 -2.78
N GLN A 326 14.29 30.08 -3.10
CA GLN A 326 15.61 29.48 -3.10
C GLN A 326 15.97 28.98 -1.71
N ILE A 327 15.67 29.78 -0.69
CA ILE A 327 16.01 29.44 0.69
C ILE A 327 15.25 28.19 1.11
N LEU A 328 13.95 28.17 0.85
CA LEU A 328 13.07 27.08 1.27
C LEU A 328 13.45 25.80 0.55
N ASN A 329 13.78 25.91 -0.74
CA ASN A 329 14.14 24.75 -1.55
C ASN A 329 15.38 24.08 -0.97
N GLU A 330 16.36 24.88 -0.54
CA GLU A 330 17.60 24.35 -0.01
C GLU A 330 17.36 23.61 1.31
N GLU A 331 16.33 24.04 2.06
CA GLU A 331 15.98 23.41 3.32
C GLU A 331 15.15 22.14 3.09
N GLY A 332 14.58 21.97 1.88
CA GLY A 332 13.91 20.74 1.51
C GLY A 332 12.43 20.93 1.15
N VAL A 333 11.89 22.15 1.34
CA VAL A 333 10.49 22.43 1.04
C VAL A 333 10.41 23.07 -0.34
N PHE A 334 9.73 22.40 -1.28
CA PHE A 334 9.66 22.87 -2.66
C PHE A 334 8.50 23.86 -2.80
N ALA A 335 8.79 25.13 -2.50
CA ALA A 335 7.86 26.22 -2.76
C ALA A 335 8.04 26.70 -4.20
N ARG A 336 6.92 26.90 -4.89
CA ARG A 336 6.93 27.26 -6.30
C ARG A 336 5.70 28.12 -6.61
N GLU A 337 5.60 28.54 -7.87
CA GLU A 337 4.49 29.33 -8.34
C GLU A 337 3.62 28.43 -9.22
N TRP A 338 2.31 28.48 -8.99
CA TRP A 338 1.36 27.73 -9.79
C TRP A 338 1.25 28.40 -11.16
N GLN A 339 0.75 29.64 -11.16
CA GLN A 339 0.64 30.43 -12.38
C GLN A 339 1.68 31.54 -12.31
N ASN A 340 2.49 31.65 -13.37
CA ASN A 340 3.56 32.64 -13.43
C ASN A 340 2.99 33.93 -14.04
N THR A 341 2.07 33.76 -14.98
CA THR A 341 1.41 34.88 -15.64
C THR A 341 -0.10 34.62 -15.63
N LEU A 342 -0.89 35.70 -15.56
CA LEU A 342 -2.34 35.61 -15.48
C LEU A 342 -2.89 35.22 -16.85
N LEU A 343 -4.09 34.61 -16.85
CA LEU A 343 -4.64 34.00 -18.06
C LEU A 343 -4.78 35.03 -19.18
N PRO A 344 -5.28 36.26 -18.93
CA PRO A 344 -5.37 37.28 -19.98
C PRO A 344 -4.13 37.49 -20.82
N PHE A 345 -2.95 37.17 -20.25
CA PHE A 345 -1.69 37.45 -20.92
C PHE A 345 -1.04 36.17 -21.44
N HIS A 346 -1.74 35.03 -21.35
CA HIS A 346 -1.30 33.81 -22.00
C HIS A 346 -1.58 33.91 -23.50
N LEU A 347 -0.71 33.31 -24.31
CA LEU A 347 -0.71 33.50 -25.75
C LEU A 347 -2.10 33.24 -26.35
N PRO A 348 -2.80 32.14 -26.00
CA PRO A 348 -4.15 31.90 -26.52
C PRO A 348 -5.14 33.06 -26.40
N PHE A 349 -5.00 33.88 -25.35
CA PHE A 349 -5.89 35.00 -25.11
C PHE A 349 -5.21 36.31 -25.49
N GLN A 350 -4.04 36.21 -26.12
CA GLN A 350 -3.37 37.35 -26.73
C GLN A 350 -3.55 37.27 -28.25
N ASN A 351 -3.21 36.12 -28.84
CA ASN A 351 -3.39 35.90 -30.28
C ASN A 351 -4.88 35.85 -30.61
N LYS A 352 -5.70 35.38 -29.66
CA LYS A 352 -7.15 35.35 -29.83
C LYS A 352 -7.52 34.67 -31.13
N LYS A 353 -6.94 33.48 -31.35
CA LYS A 353 -7.11 32.73 -32.59
C LYS A 353 -8.29 31.77 -32.48
N GLY A 354 -8.55 31.26 -31.27
CA GLY A 354 -9.72 30.45 -30.99
C GLY A 354 -9.79 29.24 -31.91
N PHE A 355 -10.97 28.99 -32.49
CA PHE A 355 -11.16 27.88 -33.42
C PHE A 355 -10.49 28.19 -34.76
N GLY A 356 -10.23 29.49 -34.99
CA GLY A 356 -9.63 29.97 -36.22
C GLY A 356 -10.18 31.35 -36.57
N LYS A 357 -9.33 32.21 -37.15
CA LYS A 357 -9.73 33.54 -37.60
C LYS A 357 -10.36 34.33 -36.44
N GLY A 358 -9.91 34.04 -35.22
CA GLY A 358 -10.42 34.68 -34.00
C GLY A 358 -11.87 34.33 -33.72
N TYR A 359 -12.28 33.08 -34.02
CA TYR A 359 -13.69 32.74 -34.17
C TYR A 359 -14.48 33.29 -32.97
N PRO A 360 -14.38 32.71 -31.75
CA PRO A 360 -15.24 33.16 -30.65
C PRO A 360 -15.13 34.66 -30.40
N PHE A 361 -13.90 35.20 -30.52
CA PHE A 361 -13.56 36.53 -30.04
C PHE A 361 -14.18 37.63 -30.91
N PHE A 362 -14.20 37.44 -32.24
CA PHE A 362 -14.75 38.44 -33.14
C PHE A 362 -16.26 38.56 -32.95
N LEU A 363 -16.87 37.56 -32.29
CA LEU A 363 -18.31 37.51 -32.11
C LEU A 363 -18.71 38.36 -30.90
N GLY A 364 -17.92 39.39 -30.61
CA GLY A 364 -18.15 40.26 -29.46
C GLY A 364 -17.21 41.47 -29.48
N ASP A 365 -17.34 42.32 -28.46
CA ASP A 365 -16.54 43.54 -28.37
C ASP A 365 -15.14 43.19 -27.88
N SER A 366 -14.12 43.60 -28.66
CA SER A 366 -12.74 43.35 -28.32
C SER A 366 -12.42 43.91 -26.93
N GLN A 367 -11.55 43.20 -26.20
CA GLN A 367 -11.12 43.61 -24.87
C GLN A 367 -9.59 43.53 -24.80
N GLU A 368 -8.93 44.69 -24.74
CA GLU A 368 -7.49 44.78 -24.61
C GLU A 368 -7.14 44.97 -23.14
N TYR A 369 -7.05 43.85 -22.41
CA TYR A 369 -6.72 43.87 -20.99
C TYR A 369 -5.27 44.29 -20.82
N LYS A 370 -5.01 45.06 -19.76
CA LYS A 370 -3.66 45.45 -19.37
C LYS A 370 -3.44 45.08 -17.90
N HIS A 371 -2.18 45.08 -17.46
CA HIS A 371 -1.81 44.64 -16.12
C HIS A 371 -2.56 45.44 -15.07
N GLU A 372 -2.77 46.74 -15.33
CA GLU A 372 -3.45 47.63 -14.41
C GLU A 372 -4.88 47.17 -14.11
N HIS A 373 -5.41 46.21 -14.89
CA HIS A 373 -6.80 45.79 -14.73
C HIS A 373 -6.96 44.82 -13.56
N PHE A 374 -5.87 44.12 -13.17
CA PHE A 374 -5.96 43.06 -12.16
C PHE A 374 -4.91 43.28 -11.08
N PRO A 375 -4.99 44.37 -10.27
CA PRO A 375 -3.98 44.67 -9.26
C PRO A 375 -3.84 43.64 -8.14
N ASN A 376 -4.97 43.04 -7.73
CA ASN A 376 -4.98 42.09 -6.61
C ASN A 376 -4.23 40.83 -6.99
N ALA A 377 -4.58 40.25 -8.15
CA ALA A 377 -3.98 39.00 -8.61
C ALA A 377 -2.48 39.17 -8.83
N LEU A 378 -2.07 40.35 -9.29
CA LEU A 378 -0.66 40.62 -9.57
C LEU A 378 0.13 40.71 -8.27
N GLN A 379 -0.51 41.23 -7.21
CA GLN A 379 0.14 41.33 -5.91
C GLN A 379 0.23 39.95 -5.27
N MET A 380 -0.75 39.08 -5.55
CA MET A 380 -0.70 37.70 -5.11
C MET A 380 0.54 37.01 -5.71
N LEU A 381 0.72 37.14 -7.03
CA LEU A 381 1.81 36.45 -7.72
C LEU A 381 3.17 37.03 -7.34
N ARG A 382 3.16 38.23 -6.73
CA ARG A 382 4.39 38.88 -6.31
C ARG A 382 4.74 38.52 -4.86
N SER A 383 3.74 38.23 -4.03
CA SER A 383 3.95 38.20 -2.59
C SER A 383 3.46 36.89 -1.96
N THR A 384 3.44 35.79 -2.72
CA THR A 384 2.99 34.52 -2.18
C THR A 384 3.84 33.36 -2.72
N LEU A 385 3.74 32.23 -2.00
CA LEU A 385 4.40 30.99 -2.33
C LEU A 385 3.40 29.85 -2.13
N VAL A 386 3.50 28.82 -2.97
CA VAL A 386 2.54 27.73 -2.93
C VAL A 386 3.25 26.42 -2.65
N LEU A 387 2.70 25.65 -1.70
CA LEU A 387 3.00 24.24 -1.56
C LEU A 387 1.93 23.47 -2.32
N CYS A 388 2.34 22.50 -3.15
CA CYS A 388 1.43 21.70 -3.93
C CYS A 388 1.47 20.26 -3.43
N ARG A 389 2.34 19.43 -4.02
CA ARG A 389 2.39 18.01 -3.69
C ARG A 389 2.71 17.84 -2.21
N GLU A 390 3.49 18.77 -1.64
CA GLU A 390 3.91 18.74 -0.25
C GLU A 390 2.75 18.45 0.71
N LEU A 391 1.56 18.98 0.41
CA LEU A 391 0.43 18.91 1.33
C LEU A 391 -0.80 18.24 0.71
N ARG A 392 -0.84 18.12 -0.63
CA ARG A 392 -1.82 17.27 -1.30
C ARG A 392 -1.59 15.82 -0.83
N SER A 393 -0.31 15.45 -0.76
CA SER A 393 0.09 14.17 -0.22
C SER A 393 -0.17 14.16 1.28
N PRO A 394 -0.91 13.16 1.83
CA PRO A 394 -1.26 13.16 3.25
C PRO A 394 -0.08 12.74 4.11
N VAL A 395 0.85 13.68 4.32
CA VAL A 395 2.18 13.37 4.84
C VAL A 395 2.08 12.95 6.30
N GLU A 396 3.08 12.16 6.72
CA GLU A 396 3.21 11.68 8.09
C GLU A 396 3.64 12.84 8.98
N TYR A 397 3.50 12.66 10.30
CA TYR A 397 3.65 13.73 11.28
C TYR A 397 5.05 14.32 11.21
N GLU A 398 6.06 13.46 11.15
CA GLU A 398 7.46 13.86 11.09
C GLU A 398 7.68 14.83 9.91
N LYS A 399 7.08 14.53 8.76
CA LYS A 399 7.24 15.35 7.58
C LYS A 399 6.58 16.71 7.78
N LEU A 400 5.43 16.72 8.47
CA LEU A 400 4.66 17.94 8.69
C LEU A 400 5.44 18.89 9.60
N HIS A 401 6.04 18.35 10.67
CA HIS A 401 6.79 19.16 11.62
C HIS A 401 8.07 19.69 10.95
N SER A 402 8.58 18.94 9.96
CA SER A 402 9.72 19.40 9.17
C SER A 402 9.35 20.67 8.39
N TYR A 403 8.11 20.73 7.88
CA TYR A 403 7.63 21.95 7.24
C TYR A 403 7.59 23.06 8.28
N ILE A 404 7.01 22.76 9.45
CA ILE A 404 6.85 23.74 10.52
C ILE A 404 8.22 24.29 10.94
N ILE A 405 9.22 23.41 11.07
CA ILE A 405 10.55 23.81 11.46
C ILE A 405 11.15 24.71 10.38
N THR A 406 10.93 24.35 9.11
CA THR A 406 11.54 25.04 7.99
C THR A 406 11.10 26.50 7.99
N PHE A 407 9.80 26.73 8.15
CA PHE A 407 9.24 28.08 8.13
C PHE A 407 9.69 28.86 9.36
N LYS A 408 9.67 28.22 10.53
CA LYS A 408 10.16 28.87 11.75
C LYS A 408 11.65 29.19 11.64
N LYS A 409 12.41 28.32 10.97
CA LYS A 409 13.84 28.52 10.79
C LYS A 409 14.06 29.77 9.93
N VAL A 410 13.34 29.87 8.82
CA VAL A 410 13.50 31.00 7.91
C VAL A 410 12.99 32.27 8.58
N ASP A 411 11.96 32.12 9.42
CA ASP A 411 11.39 33.24 10.14
C ASP A 411 12.44 33.89 11.05
N LYS A 412 13.37 33.08 11.58
CA LYS A 412 14.46 33.59 12.40
C LYS A 412 15.62 34.17 11.57
N ASN A 413 15.45 34.27 10.24
CA ASN A 413 16.53 34.76 9.39
C ASN A 413 16.01 35.78 8.40
N ILE A 414 15.19 36.72 8.88
CA ILE A 414 14.55 37.71 8.02
C ILE A 414 15.58 38.69 7.48
N GLN A 415 16.61 39.00 8.28
CA GLN A 415 17.67 39.90 7.86
C GLN A 415 18.41 39.32 6.66
N ARG A 416 18.74 38.02 6.73
CA ARG A 416 19.43 37.33 5.65
C ARG A 416 18.55 37.25 4.40
N VAL A 417 17.26 36.94 4.60
CA VAL A 417 16.30 36.91 3.50
C VAL A 417 16.36 38.24 2.76
N ALA A 418 16.37 39.34 3.52
CA ALA A 418 16.50 40.67 2.95
C ALA A 418 17.81 40.77 2.17
N GLU A 419 18.93 40.41 2.82
CA GLU A 419 20.26 40.55 2.24
C GLU A 419 20.35 39.72 0.95
N ILE A 420 19.72 38.54 0.93
CA ILE A 420 19.80 37.66 -0.22
C ILE A 420 18.94 38.23 -1.35
N ALA A 421 17.72 38.66 -1.02
CA ALA A 421 16.80 39.24 -1.99
C ALA A 421 17.46 40.41 -2.72
N SER A 422 18.18 41.25 -1.96
CA SER A 422 18.77 42.47 -2.50
C SER A 422 19.82 42.15 -3.57
N GLN A 423 20.46 40.97 -3.47
CA GLN A 423 21.53 40.61 -4.39
C GLN A 423 20.98 40.01 -5.68
N ILE A 424 19.69 39.66 -5.71
CA ILE A 424 19.10 39.01 -6.87
C ILE A 424 19.14 39.96 -8.06
N ASP A 425 19.57 39.44 -9.20
CA ASP A 425 19.71 40.23 -10.43
C ASP A 425 18.37 40.86 -10.79
N ASP A 426 18.41 42.14 -11.19
CA ASP A 426 17.24 42.92 -11.55
C ASP A 426 16.66 42.32 -12.83
N VAL A 427 15.38 41.93 -12.80
CA VAL A 427 14.74 41.24 -13.91
C VAL A 427 13.67 42.16 -14.51
N PRO A 428 13.97 42.93 -15.58
CA PRO A 428 12.97 43.74 -16.26
C PRO A 428 12.29 43.03 -17.42
N GLU B 12 -5.87 -15.65 -20.20
CA GLU B 12 -4.51 -15.23 -20.64
C GLU B 12 -4.49 -13.71 -20.85
N GLN B 13 -5.47 -13.18 -21.60
CA GLN B 13 -5.50 -11.76 -21.92
C GLN B 13 -5.80 -10.95 -20.66
N LEU B 14 -6.72 -11.45 -19.82
CA LEU B 14 -7.06 -10.81 -18.57
C LEU B 14 -5.82 -10.69 -17.68
N PHE B 15 -4.91 -11.67 -17.77
CA PHE B 15 -3.68 -11.67 -16.99
C PHE B 15 -2.71 -10.62 -17.52
N GLN B 16 -2.54 -10.60 -18.85
CA GLN B 16 -1.58 -9.70 -19.48
C GLN B 16 -1.98 -8.25 -19.23
N VAL B 17 -3.28 -7.98 -19.16
CA VAL B 17 -3.79 -6.64 -18.88
C VAL B 17 -3.51 -6.30 -17.42
N SER B 18 -3.93 -7.18 -16.51
CA SER B 18 -3.75 -6.99 -15.09
C SER B 18 -2.28 -6.72 -14.77
N PHE B 19 -1.39 -7.46 -15.43
CA PHE B 19 0.03 -7.40 -15.12
C PHE B 19 0.56 -6.00 -15.43
N VAL B 20 0.24 -5.51 -16.64
CA VAL B 20 0.66 -4.20 -17.09
C VAL B 20 0.17 -3.13 -16.12
N LEU B 21 -1.13 -3.17 -15.78
CA LEU B 21 -1.73 -2.20 -14.89
C LEU B 21 -1.03 -2.27 -13.53
N ALA B 22 -0.81 -3.49 -13.04
CA ALA B 22 -0.13 -3.71 -11.78
C ALA B 22 1.27 -3.09 -11.83
N ARG B 23 1.97 -3.29 -12.95
CA ARG B 23 3.35 -2.81 -13.11
C ARG B 23 3.38 -1.29 -13.05
N VAL B 24 2.60 -0.64 -13.92
CA VAL B 24 2.63 0.81 -14.02
C VAL B 24 2.18 1.40 -12.68
N LEU B 25 1.12 0.82 -12.09
CA LEU B 25 0.62 1.27 -10.80
C LEU B 25 1.72 1.15 -9.74
N THR B 26 2.49 0.05 -9.80
CA THR B 26 3.56 -0.18 -8.86
C THR B 26 4.67 0.87 -9.03
N SER B 27 4.85 1.39 -10.26
CA SER B 27 5.87 2.40 -10.50
C SER B 27 5.48 3.72 -9.85
N GLY B 28 4.17 3.98 -9.76
CA GLY B 28 3.66 5.23 -9.21
C GLY B 28 3.71 6.36 -10.22
N ILE B 29 4.00 6.04 -11.50
CA ILE B 29 4.09 7.04 -12.55
C ILE B 29 2.91 6.83 -13.49
N ILE B 30 1.78 7.51 -13.20
CA ILE B 30 0.55 7.32 -13.95
C ILE B 30 0.02 8.64 -14.50
N MET B 31 0.84 9.71 -14.49
CA MET B 31 0.41 10.99 -15.01
C MET B 31 1.12 11.29 -16.33
N SER B 32 0.35 11.77 -17.30
CA SER B 32 0.87 12.19 -18.59
C SER B 32 2.10 13.08 -18.42
N ILE B 33 1.98 14.11 -17.57
CA ILE B 33 2.92 15.22 -17.53
C ILE B 33 4.15 14.89 -16.67
N GLU B 34 4.03 13.89 -15.79
CA GLU B 34 5.05 13.59 -14.81
C GLU B 34 6.31 13.09 -15.49
N LYS B 35 7.49 13.62 -15.11
CA LYS B 35 8.76 13.14 -15.62
C LYS B 35 8.98 11.71 -15.13
N ASN B 36 9.78 10.95 -15.89
CA ASN B 36 10.06 9.54 -15.62
C ASN B 36 8.94 8.67 -16.21
N GLU B 37 7.99 9.29 -16.91
CA GLU B 37 6.97 8.56 -17.65
C GLU B 37 7.58 8.10 -18.97
N ASN B 38 7.50 6.79 -19.25
CA ASN B 38 8.11 6.20 -20.44
C ASN B 38 7.13 5.31 -21.21
N GLU B 39 5.88 5.22 -20.75
CA GLU B 39 4.92 4.30 -21.36
C GLU B 39 4.43 4.85 -22.70
N LEU B 40 4.20 6.16 -22.76
CA LEU B 40 3.65 6.78 -23.97
C LEU B 40 4.75 6.91 -25.02
N LYS B 41 5.98 7.16 -24.57
CA LYS B 41 7.12 7.24 -25.47
C LYS B 41 7.39 5.88 -26.08
N GLY B 42 7.23 4.81 -25.28
CA GLY B 42 7.36 3.45 -25.76
C GLY B 42 6.28 3.11 -26.79
N LEU B 43 5.06 3.60 -26.54
CA LEU B 43 3.94 3.39 -27.45
C LEU B 43 4.24 4.07 -28.78
N GLU B 44 4.67 5.34 -28.71
CA GLU B 44 4.98 6.13 -29.89
C GLU B 44 6.04 5.43 -30.74
N ASN B 45 7.16 5.06 -30.09
CA ASN B 45 8.32 4.50 -30.77
C ASN B 45 7.94 3.23 -31.53
N ILE B 46 7.03 2.42 -30.98
CA ILE B 46 6.60 1.20 -31.65
C ILE B 46 5.88 1.55 -32.96
N LEU B 47 5.02 2.57 -32.93
CA LEU B 47 4.18 2.91 -34.07
C LEU B 47 5.00 3.66 -35.12
N LYS B 48 5.93 4.51 -34.64
CA LYS B 48 6.88 5.18 -35.52
C LYS B 48 7.65 4.14 -36.34
N LYS B 49 8.09 3.06 -35.69
CA LYS B 49 8.89 2.05 -36.36
C LYS B 49 8.02 1.24 -37.31
N THR B 50 6.81 0.88 -36.86
CA THR B 50 5.87 0.11 -37.66
C THR B 50 5.50 0.87 -38.94
N SER B 51 5.25 2.18 -38.79
CA SER B 51 4.71 3.00 -39.87
C SER B 51 5.82 3.64 -40.70
N SER B 52 7.03 3.72 -40.10
CA SER B 52 8.17 4.40 -40.67
C SER B 52 7.91 5.90 -40.77
N LYS B 53 7.01 6.41 -39.92
CA LYS B 53 6.78 7.85 -39.83
C LYS B 53 7.62 8.41 -38.69
N GLN B 54 8.02 9.68 -38.83
CA GLN B 54 9.05 10.28 -37.99
C GLN B 54 8.45 10.81 -36.68
N TYR B 55 7.14 11.08 -36.69
CA TYR B 55 6.49 11.77 -35.59
C TYR B 55 5.22 11.03 -35.20
N ALA B 56 5.00 10.89 -33.89
CA ALA B 56 3.78 10.32 -33.35
C ALA B 56 3.24 11.23 -32.24
N VAL B 57 1.91 11.40 -32.23
CA VAL B 57 1.23 12.18 -31.21
C VAL B 57 0.06 11.35 -30.68
N THR B 58 0.01 11.14 -29.35
CA THR B 58 -1.01 10.30 -28.74
C THR B 58 -2.10 11.19 -28.16
N PHE B 59 -3.35 10.71 -28.26
CA PHE B 59 -4.50 11.42 -27.76
C PHE B 59 -5.38 10.47 -26.95
N ASN B 60 -6.26 11.06 -26.13
CA ASN B 60 -7.22 10.29 -25.35
C ASN B 60 -8.55 10.22 -26.10
N SER B 61 -8.57 10.69 -27.34
CA SER B 61 -9.75 10.66 -28.17
C SER B 61 -9.36 10.75 -29.64
N ILE B 62 -10.14 10.10 -30.50
CA ILE B 62 -9.96 10.19 -31.94
C ILE B 62 -10.18 11.65 -32.36
N SER B 63 -11.12 12.32 -31.67
CA SER B 63 -11.41 13.72 -31.89
C SER B 63 -10.14 14.56 -31.79
N GLY B 64 -9.28 14.22 -30.82
CA GLY B 64 -8.00 14.88 -30.65
C GLY B 64 -7.09 14.70 -31.87
N ALA B 65 -7.07 13.49 -32.42
CA ALA B 65 -6.25 13.16 -33.58
C ALA B 65 -6.77 13.87 -34.82
N VAL B 66 -8.10 13.86 -35.00
CA VAL B 66 -8.75 14.55 -36.10
C VAL B 66 -8.42 16.04 -36.04
N ILE B 67 -8.69 16.68 -34.91
CA ILE B 67 -8.48 18.12 -34.74
C ILE B 67 -7.02 18.46 -34.98
N GLY B 68 -6.12 17.56 -34.55
CA GLY B 68 -4.70 17.74 -34.72
C GLY B 68 -4.29 17.72 -36.18
N SER B 69 -4.75 16.69 -36.90
CA SER B 69 -4.44 16.54 -38.32
C SER B 69 -4.94 17.76 -39.09
N LEU B 70 -6.16 18.21 -38.78
CA LEU B 70 -6.79 19.32 -39.47
C LEU B 70 -6.02 20.61 -39.21
N TRP B 71 -5.94 21.03 -37.94
CA TRP B 71 -5.29 22.27 -37.56
C TRP B 71 -3.81 22.26 -37.94
N GLY B 72 -3.20 21.07 -37.98
CA GLY B 72 -1.81 20.91 -38.39
C GLY B 72 -1.58 21.36 -39.83
N GLN B 73 -2.59 21.13 -40.70
CA GLN B 73 -2.53 21.57 -42.09
C GLN B 73 -3.30 22.87 -42.27
N ASP B 74 -3.40 23.67 -41.21
CA ASP B 74 -4.07 24.97 -41.22
C ASP B 74 -5.51 24.85 -41.75
N ILE B 75 -6.15 23.70 -41.51
CA ILE B 75 -7.56 23.52 -41.84
C ILE B 75 -8.38 23.89 -40.61
N VAL B 76 -8.64 25.21 -40.46
CA VAL B 76 -9.24 25.77 -39.26
C VAL B 76 -10.67 26.20 -39.55
N TYR B 77 -11.27 26.93 -38.61
CA TYR B 77 -12.55 27.59 -38.80
C TYR B 77 -12.50 28.47 -40.05
N GLY B 78 -13.38 28.16 -41.02
CA GLY B 78 -13.54 28.99 -42.21
C GLY B 78 -12.93 28.34 -43.45
N GLU B 79 -12.14 27.28 -43.25
CA GLU B 79 -11.52 26.55 -44.34
C GLU B 79 -12.40 25.37 -44.75
N ALA B 80 -11.93 24.60 -45.73
CA ALA B 80 -12.63 23.40 -46.18
C ALA B 80 -11.61 22.31 -46.54
N THR B 81 -12.10 21.07 -46.60
CA THR B 81 -11.30 19.92 -47.01
C THR B 81 -12.25 18.85 -47.56
N ASN B 82 -11.72 17.68 -47.92
CA ASN B 82 -12.48 16.64 -48.57
C ASN B 82 -13.01 15.66 -47.53
N GLN B 83 -14.34 15.60 -47.39
CA GLN B 83 -15.00 14.85 -46.34
C GLN B 83 -15.67 13.59 -46.88
N GLN B 84 -15.27 13.16 -48.09
CA GLN B 84 -15.82 11.97 -48.72
C GLN B 84 -15.82 10.77 -47.78
N SER B 85 -14.70 10.57 -47.06
CA SER B 85 -14.45 9.34 -46.32
C SER B 85 -15.02 9.40 -44.91
N LEU B 86 -15.43 10.58 -44.45
CA LEU B 86 -15.83 10.76 -43.07
C LEU B 86 -17.08 9.93 -42.78
N ASP B 87 -17.13 9.36 -41.57
CA ASP B 87 -18.36 8.77 -41.04
C ASP B 87 -19.21 9.92 -40.51
N GLU B 88 -20.39 9.60 -39.96
CA GLU B 88 -21.32 10.62 -39.52
C GLU B 88 -20.74 11.40 -38.34
N GLN B 89 -19.91 10.74 -37.51
CA GLN B 89 -19.34 11.36 -36.34
C GLN B 89 -18.31 12.41 -36.73
N GLN B 90 -17.41 12.06 -37.65
CA GLN B 90 -16.39 12.98 -38.11
C GLN B 90 -17.03 14.15 -38.86
N GLU B 91 -18.11 13.88 -39.60
CA GLU B 91 -18.82 14.93 -40.32
C GLU B 91 -19.27 16.00 -39.32
N LYS B 92 -19.87 15.54 -38.22
CA LYS B 92 -20.37 16.42 -37.18
C LYS B 92 -19.24 17.23 -36.55
N LEU B 93 -18.10 16.58 -36.31
CA LEU B 93 -16.97 17.20 -35.64
C LEU B 93 -16.35 18.26 -36.55
N PHE B 94 -16.21 17.93 -37.84
CA PHE B 94 -15.72 18.89 -38.81
C PHE B 94 -16.64 20.11 -38.84
N LYS B 95 -17.96 19.87 -38.72
CA LYS B 95 -18.94 20.94 -38.79
C LYS B 95 -18.84 21.81 -37.52
N TRP B 96 -18.60 21.16 -36.38
CA TRP B 96 -18.45 21.85 -35.11
C TRP B 96 -17.20 22.73 -35.11
N LEU B 97 -16.18 22.32 -35.88
CA LEU B 97 -14.95 23.09 -36.02
C LEU B 97 -15.12 24.22 -37.03
N GLY B 98 -16.16 24.13 -37.87
CA GLY B 98 -16.43 25.13 -38.89
C GLY B 98 -15.59 24.88 -40.14
N ILE B 99 -15.48 23.60 -40.52
CA ILE B 99 -14.69 23.17 -41.66
C ILE B 99 -15.64 22.59 -42.72
N GLY B 100 -15.58 23.15 -43.93
CA GLY B 100 -16.54 22.82 -44.97
C GLY B 100 -16.06 21.69 -45.87
N HIS B 101 -16.92 21.26 -46.79
CA HIS B 101 -16.63 20.18 -47.72
C HIS B 101 -16.27 20.74 -49.09
N SER B 102 -15.32 20.08 -49.77
CA SER B 102 -15.04 20.35 -51.17
C SER B 102 -14.50 19.08 -51.82
N SER B 103 -15.14 18.69 -52.94
CA SER B 103 -14.73 17.53 -53.72
C SER B 103 -13.37 17.79 -54.37
N LEU B 104 -13.05 19.07 -54.62
CA LEU B 104 -11.89 19.44 -55.39
C LEU B 104 -10.63 19.50 -54.53
N LEU B 105 -10.74 19.13 -53.24
CA LEU B 105 -9.62 19.22 -52.32
C LEU B 105 -9.15 17.84 -51.89
N PRO B 106 -7.90 17.70 -51.39
CA PRO B 106 -7.40 16.43 -50.86
C PRO B 106 -8.06 16.07 -49.54
N GLU B 107 -8.01 14.77 -49.18
CA GLU B 107 -8.49 14.30 -47.89
C GLU B 107 -7.49 14.72 -46.82
N PRO B 108 -7.95 15.07 -45.61
CA PRO B 108 -7.07 15.59 -44.56
C PRO B 108 -6.18 14.54 -43.91
N TYR B 109 -6.59 13.27 -43.98
CA TYR B 109 -5.86 12.18 -43.36
C TYR B 109 -6.40 10.85 -43.85
N THR B 110 -5.73 9.76 -43.45
CA THR B 110 -6.24 8.41 -43.63
C THR B 110 -6.44 7.79 -42.26
N LEU B 111 -7.64 7.26 -42.01
CA LEU B 111 -8.00 6.71 -40.71
C LEU B 111 -8.01 5.18 -40.79
N HIS B 112 -7.50 4.53 -39.73
CA HIS B 112 -7.64 3.10 -39.58
C HIS B 112 -8.14 2.78 -38.17
N ALA B 113 -9.36 2.24 -38.09
CA ALA B 113 -9.90 1.72 -36.85
C ALA B 113 -9.20 0.41 -36.52
N ILE B 114 -8.27 0.45 -35.56
CA ILE B 114 -7.60 -0.75 -35.09
C ILE B 114 -8.49 -1.44 -34.08
N ASN B 115 -8.53 -2.78 -34.14
CA ASN B 115 -9.21 -3.60 -33.15
C ASN B 115 -8.50 -4.95 -33.06
N TRP B 116 -9.09 -5.89 -32.31
CA TRP B 116 -8.44 -7.14 -31.98
C TRP B 116 -8.27 -8.03 -33.20
N GLY B 117 -9.15 -7.87 -34.20
CA GLY B 117 -9.14 -8.68 -35.41
C GLY B 117 -8.03 -8.30 -36.38
N ASN B 118 -7.53 -7.06 -36.30
CA ASN B 118 -6.64 -6.53 -37.34
C ASN B 118 -5.37 -5.90 -36.78
N ILE B 119 -5.13 -6.03 -35.47
CA ILE B 119 -4.00 -5.35 -34.83
C ILE B 119 -2.69 -6.08 -35.16
N SER B 120 -2.78 -7.39 -35.45
CA SER B 120 -1.61 -8.20 -35.76
C SER B 120 -1.00 -7.80 -37.10
N ASN B 121 -1.81 -7.19 -37.99
CA ASN B 121 -1.34 -6.79 -39.31
C ASN B 121 -1.32 -5.26 -39.39
N LEU B 122 -0.32 -4.66 -38.74
CA LEU B 122 -0.25 -3.21 -38.58
C LEU B 122 0.82 -2.62 -39.49
N GLN B 123 1.83 -3.41 -39.86
CA GLN B 123 2.84 -2.96 -40.83
C GLN B 123 2.15 -2.73 -42.17
N LYS B 124 1.33 -3.70 -42.60
CA LYS B 124 0.65 -3.64 -43.88
C LYS B 124 -0.32 -2.47 -43.91
N ILE B 125 -0.95 -2.19 -42.76
CA ILE B 125 -1.91 -1.10 -42.65
C ILE B 125 -1.18 0.25 -42.68
N THR B 126 -0.18 0.43 -41.80
CA THR B 126 0.36 1.75 -41.53
C THR B 126 1.48 2.12 -42.50
N HIS B 127 2.20 1.12 -43.04
CA HIS B 127 3.23 1.37 -44.03
C HIS B 127 2.56 1.72 -45.35
N GLU B 128 2.13 2.98 -45.46
CA GLU B 128 1.37 3.48 -46.60
C GLU B 128 1.86 4.89 -46.92
N GLU B 129 1.29 5.49 -47.97
CA GLU B 129 1.80 6.74 -48.53
C GLU B 129 1.09 7.95 -47.94
N ALA B 130 -0.02 7.73 -47.22
CA ALA B 130 -0.73 8.81 -46.54
C ALA B 130 0.25 9.61 -45.68
N HIS B 131 0.23 10.95 -45.84
CA HIS B 131 1.15 11.84 -45.15
C HIS B 131 0.67 12.10 -43.72
N VAL B 132 -0.58 11.71 -43.41
CA VAL B 132 -1.08 11.71 -42.05
C VAL B 132 -1.94 10.46 -41.84
N THR B 133 -1.42 9.54 -41.03
CA THR B 133 -2.14 8.32 -40.68
C THR B 133 -2.71 8.47 -39.28
N LEU B 134 -4.02 8.27 -39.16
CA LEU B 134 -4.75 8.34 -37.90
C LEU B 134 -5.19 6.95 -37.48
N LEU B 135 -4.73 6.52 -36.30
CA LEU B 135 -5.05 5.20 -35.76
C LEU B 135 -5.97 5.35 -34.55
N ASP B 136 -7.16 4.77 -34.62
CA ASP B 136 -8.13 4.78 -33.53
C ASP B 136 -8.10 3.43 -32.81
N PHE B 137 -7.57 3.42 -31.59
CA PHE B 137 -7.39 2.18 -30.84
C PHE B 137 -8.56 1.91 -29.88
N THR B 138 -9.58 2.77 -29.87
CA THR B 138 -10.62 2.72 -28.85
C THR B 138 -11.21 1.31 -28.75
N LYS B 139 -11.31 0.60 -29.89
CA LYS B 139 -12.04 -0.67 -29.93
C LYS B 139 -11.28 -1.76 -29.19
N LEU B 140 -10.00 -1.52 -28.86
CA LEU B 140 -9.22 -2.44 -28.05
C LEU B 140 -9.82 -2.57 -26.65
N GLY B 141 -10.50 -1.51 -26.19
CA GLY B 141 -11.32 -1.58 -24.99
C GLY B 141 -10.54 -1.26 -23.72
N PHE B 142 -9.48 -0.46 -23.86
CA PHE B 142 -8.70 0.04 -22.73
C PHE B 142 -9.08 1.49 -22.44
N GLY B 143 -10.01 2.02 -23.24
CA GLY B 143 -10.41 3.41 -23.16
C GLY B 143 -10.31 4.09 -24.53
N PRO B 144 -10.93 5.27 -24.71
CA PRO B 144 -10.75 6.05 -25.93
C PRO B 144 -9.28 6.43 -26.12
N CYS B 145 -8.75 6.13 -27.31
CA CYS B 145 -7.36 6.44 -27.61
C CYS B 145 -7.16 6.54 -29.12
N ALA B 146 -6.26 7.43 -29.51
CA ALA B 146 -5.89 7.57 -30.90
C ALA B 146 -4.46 8.07 -31.00
N VAL B 147 -3.76 7.63 -32.05
CA VAL B 147 -2.44 8.13 -32.35
C VAL B 147 -2.47 8.76 -33.75
N LEU B 148 -1.67 9.82 -33.92
CA LEU B 148 -1.46 10.46 -35.20
C LEU B 148 -0.01 10.24 -35.63
N LEU B 149 0.18 9.80 -36.88
CA LEU B 149 1.51 9.52 -37.41
C LEU B 149 1.73 10.31 -38.69
N THR B 150 2.79 11.13 -38.71
CA THR B 150 3.13 11.93 -39.87
C THR B 150 4.65 12.06 -39.96
N ASN B 151 5.14 12.46 -41.14
CA ASN B 151 6.51 12.92 -41.31
C ASN B 151 6.53 14.46 -41.26
N ASN B 152 5.35 15.07 -41.29
CA ASN B 152 5.22 16.51 -41.28
C ASN B 152 5.50 17.04 -39.88
N GLU B 153 6.71 17.60 -39.69
CA GLU B 153 7.13 18.14 -38.41
C GLU B 153 6.15 19.21 -37.94
N THR B 154 5.57 19.96 -38.88
CA THR B 154 4.73 21.10 -38.53
C THR B 154 3.37 20.63 -38.02
N ILE B 155 2.86 19.51 -38.58
CA ILE B 155 1.65 18.90 -38.06
C ILE B 155 1.90 18.41 -36.64
N TYR B 156 3.02 17.67 -36.47
CA TYR B 156 3.41 17.14 -35.17
C TYR B 156 3.34 18.24 -34.11
N LYS B 157 3.98 19.37 -34.39
CA LYS B 157 4.17 20.43 -33.41
C LYS B 157 2.83 21.06 -33.03
N LYS B 158 1.95 21.25 -34.03
CA LYS B 158 0.65 21.86 -33.79
C LYS B 158 -0.26 20.90 -33.05
N SER B 159 -0.13 19.60 -33.35
CA SER B 159 -0.91 18.55 -32.70
C SER B 159 -0.59 18.51 -31.20
N GLU B 160 0.66 18.79 -30.84
CA GLU B 160 1.07 18.82 -29.45
C GLU B 160 0.64 20.14 -28.80
N ARG B 161 0.71 21.24 -29.55
CA ARG B 161 0.48 22.55 -28.99
C ARG B 161 -1.01 22.77 -28.72
N LEU B 162 -1.89 21.99 -29.37
CA LEU B 162 -3.31 22.07 -29.13
C LEU B 162 -3.67 21.33 -27.84
N LYS B 163 -2.88 20.31 -27.49
CA LYS B 163 -2.98 19.68 -26.19
C LYS B 163 -2.48 20.64 -25.12
N ILE B 164 -3.19 20.70 -23.99
CA ILE B 164 -2.71 21.40 -22.80
C ILE B 164 -1.62 20.53 -22.19
N PHE B 165 -0.43 21.11 -22.00
CA PHE B 165 0.77 20.38 -21.60
C PHE B 165 1.13 19.33 -22.65
N GLY B 166 1.55 19.79 -23.84
CA GLY B 166 1.84 18.89 -24.95
C GLY B 166 3.34 18.75 -25.20
N ALA B 167 3.98 19.84 -25.60
CA ALA B 167 5.43 19.93 -25.68
C ALA B 167 5.90 21.29 -25.18
N PHE B 168 5.13 21.86 -24.24
CA PHE B 168 5.60 22.97 -23.42
C PHE B 168 5.77 22.42 -22.00
N ASP B 169 6.49 21.29 -21.91
CA ASP B 169 6.97 20.74 -20.66
C ASP B 169 8.37 21.31 -20.38
N LEU B 170 9.01 21.85 -21.42
CA LEU B 170 10.28 22.55 -21.31
C LEU B 170 11.34 21.60 -20.71
N GLU B 182 7.21 31.24 -34.32
CA GLU B 182 6.95 30.15 -33.35
C GLU B 182 5.59 29.54 -33.64
N ILE B 183 5.19 28.56 -32.83
CA ILE B 183 3.90 27.88 -32.96
C ILE B 183 2.98 28.40 -31.85
N LYS B 184 2.22 29.47 -32.17
CA LYS B 184 1.33 30.10 -31.20
C LYS B 184 0.03 29.29 -31.10
N PRO B 185 -0.39 28.86 -29.89
CA PRO B 185 -1.62 28.09 -29.72
C PRO B 185 -2.88 28.93 -29.63
N GLY B 186 -3.96 28.45 -30.25
CA GLY B 186 -5.27 29.07 -30.13
C GLY B 186 -6.09 28.38 -29.04
N LEU B 187 -7.23 27.81 -29.44
CA LEU B 187 -8.01 26.98 -28.53
C LEU B 187 -7.19 25.73 -28.22
N GLN B 188 -7.40 25.20 -27.00
CA GLN B 188 -6.71 24.00 -26.55
C GLN B 188 -7.72 23.08 -25.87
N PHE B 189 -7.38 21.78 -25.85
CA PHE B 189 -8.16 20.75 -25.18
C PHE B 189 -7.22 19.90 -24.34
N ASN B 190 -7.80 19.12 -23.42
CA ASN B 190 -7.05 18.11 -22.70
C ASN B 190 -7.28 16.77 -23.39
N PHE B 191 -6.44 16.48 -24.38
CA PHE B 191 -6.45 15.20 -25.07
C PHE B 191 -5.27 14.35 -24.62
N ARG B 192 -4.65 14.70 -23.47
CA ARG B 192 -3.53 13.93 -22.95
C ARG B 192 -4.02 12.52 -22.63
N LEU B 193 -3.25 11.51 -23.04
CA LEU B 193 -3.61 10.11 -22.84
C LEU B 193 -3.10 9.64 -21.48
N SER B 194 -3.90 8.79 -20.83
CA SER B 194 -3.52 8.18 -19.56
C SER B 194 -2.38 7.18 -19.81
N PRO B 195 -1.21 7.34 -19.15
CA PRO B 195 -0.17 6.31 -19.20
C PRO B 195 -0.68 4.89 -19.06
N LEU B 196 -1.56 4.65 -18.08
CA LEU B 196 -2.11 3.32 -17.85
C LEU B 196 -2.70 2.77 -19.15
N VAL B 197 -3.48 3.61 -19.84
CA VAL B 197 -4.13 3.23 -21.09
C VAL B 197 -3.06 2.97 -22.14
N GLY B 198 -2.15 3.93 -22.31
CA GLY B 198 -1.07 3.80 -23.27
C GLY B 198 -0.25 2.52 -23.06
N ALA B 199 -0.10 2.12 -21.80
CA ALA B 199 0.69 0.95 -21.45
C ALA B 199 -0.04 -0.33 -21.87
N CYS B 200 -1.36 -0.33 -21.77
CA CYS B 200 -2.17 -1.46 -22.22
C CYS B 200 -2.04 -1.58 -23.74
N ILE B 201 -2.17 -0.45 -24.45
CA ILE B 201 -2.05 -0.44 -25.90
C ILE B 201 -0.69 -1.03 -26.26
N LYS B 202 0.37 -0.50 -25.64
CA LYS B 202 1.73 -0.93 -25.92
C LYS B 202 1.85 -2.44 -25.77
N MET B 203 1.33 -2.99 -24.66
CA MET B 203 1.40 -4.41 -24.39
C MET B 203 0.74 -5.20 -25.51
N ALA B 204 -0.52 -4.85 -25.84
CA ALA B 204 -1.27 -5.51 -26.89
C ALA B 204 -0.46 -5.56 -28.19
N LEU B 205 0.17 -4.43 -28.55
CA LEU B 205 0.99 -4.35 -29.75
C LEU B 205 2.10 -5.39 -29.68
N ILE B 206 2.87 -5.38 -28.57
CA ILE B 206 4.05 -6.22 -28.44
C ILE B 206 3.67 -7.68 -28.58
N LYS B 207 2.49 -8.07 -28.08
CA LYS B 207 2.05 -9.46 -28.10
C LYS B 207 1.67 -9.87 -29.52
N MET B 208 1.33 -8.89 -30.37
CA MET B 208 0.79 -9.19 -31.70
C MET B 208 1.82 -8.90 -32.79
N GLY B 209 3.12 -9.17 -32.52
CA GLY B 209 4.11 -9.24 -33.58
C GLY B 209 5.11 -8.08 -33.57
N LEU B 210 4.64 -6.88 -33.24
CA LEU B 210 5.50 -5.71 -33.15
C LEU B 210 6.38 -5.85 -31.90
N ASN B 211 7.29 -4.88 -31.67
CA ASN B 211 8.18 -4.95 -30.52
C ASN B 211 8.73 -3.55 -30.20
N MET C 1 -15.56 -5.63 -1.76
CA MET C 1 -14.10 -5.82 -1.52
C MET C 1 -13.84 -5.83 -0.01
N LYS C 2 -13.49 -7.00 0.52
CA LYS C 2 -13.11 -7.12 1.92
C LYS C 2 -11.68 -6.61 2.06
N THR C 3 -11.50 -5.52 2.83
CA THR C 3 -10.20 -4.90 3.02
C THR C 3 -9.95 -4.67 4.50
N ASP C 4 -8.67 -4.63 4.89
CA ASP C 4 -8.28 -4.37 6.26
C ASP C 4 -8.00 -2.89 6.47
N PHE C 5 -8.06 -2.10 5.38
CA PHE C 5 -7.71 -0.68 5.43
C PHE C 5 -8.41 -0.01 6.61
N ILE C 6 -7.61 0.61 7.49
CA ILE C 6 -8.11 1.39 8.60
C ILE C 6 -8.54 2.75 8.08
N MET C 7 -9.78 3.15 8.36
CA MET C 7 -10.42 4.30 7.73
C MET C 7 -10.29 5.56 8.59
N VAL C 8 -10.00 5.39 9.89
CA VAL C 8 -9.96 6.52 10.81
C VAL C 8 -8.51 6.71 11.25
N PRO C 9 -7.88 7.87 10.94
CA PRO C 9 -6.50 8.12 11.36
C PRO C 9 -6.45 8.32 12.88
N THR C 10 -5.31 7.96 13.49
CA THR C 10 -5.12 8.17 14.92
C THR C 10 -4.79 9.64 15.11
N ALA C 11 -5.64 10.34 15.88
CA ALA C 11 -5.41 11.74 16.20
C ALA C 11 -4.22 11.86 17.14
N MET C 12 -3.58 13.03 17.10
CA MET C 12 -2.50 13.34 18.03
C MET C 12 -3.10 13.45 19.43
N PRO C 13 -2.67 12.63 20.42
CA PRO C 13 -3.27 12.65 21.74
C PRO C 13 -2.86 13.91 22.50
N ASP C 14 -3.81 14.47 23.26
CA ASP C 14 -3.52 15.60 24.14
C ASP C 14 -2.72 15.11 25.34
N GLU C 15 -1.64 15.82 25.66
CA GLU C 15 -0.70 15.37 26.67
C GLU C 15 -1.30 15.58 28.06
N LYS C 16 -2.37 16.39 28.12
CA LYS C 16 -3.13 16.58 29.35
C LYS C 16 -3.81 15.28 29.80
N MET C 17 -3.97 14.31 28.89
CA MET C 17 -4.63 13.05 29.23
C MET C 17 -3.82 12.27 30.26
N ILE C 18 -2.57 12.68 30.52
CA ILE C 18 -1.79 12.13 31.61
C ILE C 18 -2.53 12.37 32.93
N ASN C 19 -3.27 13.49 32.99
CA ASN C 19 -3.97 13.89 34.20
C ASN C 19 -5.41 13.37 34.21
N TYR C 20 -5.81 12.60 33.19
CA TYR C 20 -7.19 12.16 33.06
C TYR C 20 -7.46 11.01 34.02
N GLN C 21 -8.75 10.80 34.31
CA GLN C 21 -9.23 9.62 35.00
C GLN C 21 -8.91 8.39 34.17
N LEU C 22 -8.71 7.25 34.85
CA LEU C 22 -8.49 5.96 34.19
C LEU C 22 -9.77 5.51 33.49
N ALA C 23 -9.60 4.84 32.33
CA ALA C 23 -10.73 4.41 31.52
C ALA C 23 -11.53 3.34 32.24
N ILE C 24 -10.86 2.58 33.11
CA ILE C 24 -11.49 1.56 33.93
C ILE C 24 -12.42 2.20 34.97
N ASP C 25 -12.29 3.52 35.20
CA ASP C 25 -13.12 4.22 36.16
C ASP C 25 -13.97 5.27 35.45
N GLY C 26 -14.39 4.96 34.22
CA GLY C 26 -15.32 5.81 33.48
C GLY C 26 -14.64 6.98 32.78
N GLY C 27 -13.29 7.01 32.79
CA GLY C 27 -12.55 8.06 32.13
C GLY C 27 -12.49 7.82 30.62
N GLU C 28 -12.16 8.88 29.86
CA GLU C 28 -11.99 8.76 28.43
C GLU C 28 -10.65 8.09 28.15
N PRO C 29 -10.63 6.98 27.36
CA PRO C 29 -9.39 6.24 27.11
C PRO C 29 -8.41 7.03 26.24
N VAL C 30 -7.12 6.77 26.43
CA VAL C 30 -6.08 7.47 25.68
C VAL C 30 -6.25 7.16 24.19
N ILE C 31 -6.51 5.89 23.89
CA ILE C 31 -6.71 5.42 22.53
C ILE C 31 -8.19 5.13 22.32
N PRO C 32 -8.93 5.94 21.52
CA PRO C 32 -10.32 5.62 21.18
C PRO C 32 -10.42 4.24 20.53
N LYS C 33 -11.62 3.64 20.63
CA LYS C 33 -11.85 2.27 20.18
C LYS C 33 -11.58 2.14 18.67
N ALA C 34 -11.90 3.19 17.90
CA ALA C 34 -11.66 3.19 16.47
C ALA C 34 -10.17 3.04 16.15
N ASN C 35 -9.29 3.61 16.99
CA ASN C 35 -7.87 3.67 16.70
C ASN C 35 -7.11 2.50 17.33
N ARG C 36 -7.81 1.46 17.79
CA ARG C 36 -7.16 0.38 18.51
C ARG C 36 -6.46 -0.61 17.58
N LYS C 37 -6.95 -0.76 16.34
CA LYS C 37 -6.45 -1.80 15.44
C LYS C 37 -5.14 -1.36 14.77
N THR C 38 -4.20 -2.31 14.64
CA THR C 38 -3.00 -2.13 13.84
C THR C 38 -3.06 -3.09 12.66
N ILE C 39 -2.22 -2.82 11.65
CA ILE C 39 -2.14 -3.63 10.44
C ILE C 39 -0.85 -4.44 10.45
N PHE C 40 -0.98 -5.76 10.25
CA PHE C 40 0.22 -6.57 10.06
C PHE C 40 -0.16 -7.87 9.36
N PRO C 41 0.57 -8.27 8.27
CA PRO C 41 1.75 -7.56 7.80
C PRO C 41 1.42 -6.32 6.98
N ASN C 42 2.45 -5.59 6.59
CA ASN C 42 2.30 -4.41 5.76
C ASN C 42 2.19 -4.85 4.29
N ILE C 43 0.98 -5.20 3.87
CA ILE C 43 0.76 -5.68 2.52
C ILE C 43 0.58 -4.48 1.59
N ALA C 44 1.55 -4.29 0.70
CA ALA C 44 1.57 -3.16 -0.22
C ALA C 44 1.41 -3.67 -1.65
N LYS C 45 1.15 -2.74 -2.57
CA LYS C 45 0.98 -3.04 -3.98
C LYS C 45 2.11 -3.91 -4.50
N GLU C 46 3.33 -3.63 -4.02
CA GLU C 46 4.52 -4.37 -4.43
C GLU C 46 4.29 -5.87 -4.26
N ASP C 47 3.66 -6.26 -3.14
CA ASP C 47 3.51 -7.66 -2.78
C ASP C 47 2.52 -8.34 -3.74
N LEU C 48 1.48 -7.60 -4.16
CA LEU C 48 0.51 -8.10 -5.12
C LEU C 48 1.18 -8.27 -6.49
N PHE C 49 1.98 -7.28 -6.87
CA PHE C 49 2.63 -7.32 -8.17
C PHE C 49 3.66 -8.45 -8.19
N GLN C 50 4.34 -8.65 -7.06
CA GLN C 50 5.35 -9.70 -6.93
C GLN C 50 4.74 -11.09 -7.12
N MET C 51 3.45 -11.23 -6.76
CA MET C 51 2.75 -12.50 -6.93
C MET C 51 2.48 -12.75 -8.42
N MET C 52 2.31 -11.66 -9.19
CA MET C 52 2.03 -11.78 -10.61
C MET C 52 3.33 -12.03 -11.37
N ILE C 53 4.48 -11.68 -10.77
CA ILE C 53 5.78 -11.99 -11.36
C ILE C 53 6.11 -13.45 -11.10
N SER C 54 5.96 -13.89 -9.84
CA SER C 54 6.46 -15.18 -9.40
C SER C 54 5.60 -16.33 -9.94
N VAL C 55 4.31 -16.07 -10.18
CA VAL C 55 3.37 -17.10 -10.59
C VAL C 55 3.77 -17.67 -11.95
N GLN C 56 4.56 -16.91 -12.72
CA GLN C 56 4.94 -17.30 -14.06
C GLN C 56 6.22 -18.13 -14.05
N LYS C 57 6.86 -18.29 -12.88
CA LYS C 57 8.14 -18.96 -12.78
C LYS C 57 7.96 -20.34 -12.15
N PRO C 58 8.77 -21.35 -12.55
CA PRO C 58 8.84 -22.61 -11.81
C PRO C 58 8.79 -22.37 -10.31
N GLU C 59 7.92 -23.10 -9.62
CA GLU C 59 7.68 -22.91 -8.21
C GLU C 59 8.98 -23.09 -7.42
N GLU C 60 9.83 -24.05 -7.82
CA GLU C 60 11.05 -24.35 -7.08
C GLU C 60 12.10 -23.27 -7.32
N MET C 61 11.98 -22.52 -8.42
CA MET C 61 12.90 -21.43 -8.72
C MET C 61 12.59 -20.23 -7.82
N VAL C 62 11.29 -19.96 -7.60
CA VAL C 62 10.86 -18.90 -6.71
C VAL C 62 11.43 -19.18 -5.31
N VAL C 63 11.29 -20.43 -4.86
CA VAL C 63 11.77 -20.83 -3.54
C VAL C 63 13.28 -20.61 -3.46
N SER C 64 14.03 -21.11 -4.46
CA SER C 64 15.47 -20.91 -4.54
C SER C 64 15.82 -19.43 -4.48
N GLU C 65 15.15 -18.64 -5.31
CA GLU C 65 15.40 -17.21 -5.43
C GLU C 65 15.33 -16.57 -4.04
N PHE C 66 14.22 -16.85 -3.33
CA PHE C 66 13.99 -16.25 -2.02
C PHE C 66 15.09 -16.68 -1.06
N ALA C 67 15.32 -17.99 -1.02
CA ALA C 67 16.32 -18.58 -0.14
C ALA C 67 17.65 -17.85 -0.32
N GLU C 68 18.07 -17.67 -1.58
CA GLU C 68 19.35 -17.09 -1.90
C GLU C 68 19.40 -15.63 -1.43
N LYS C 69 18.33 -14.88 -1.75
CA LYS C 69 18.26 -13.46 -1.44
C LYS C 69 18.36 -13.23 0.06
N TYR C 70 17.56 -13.97 0.83
CA TYR C 70 17.53 -13.80 2.28
C TYR C 70 18.84 -14.28 2.89
N ARG C 71 19.36 -15.41 2.38
CA ARG C 71 20.62 -15.97 2.83
C ARG C 71 21.72 -14.93 2.74
N GLN C 72 21.86 -14.32 1.55
CA GLN C 72 22.89 -13.34 1.25
C GLN C 72 22.81 -12.17 2.22
N ARG C 73 21.58 -11.71 2.47
CA ARG C 73 21.35 -10.57 3.35
C ARG C 73 21.81 -10.91 4.77
N VAL C 74 21.51 -12.12 5.22
CA VAL C 74 21.79 -12.56 6.58
C VAL C 74 23.29 -12.80 6.74
N GLY C 75 23.93 -13.27 5.67
CA GLY C 75 25.35 -13.58 5.68
C GLY C 75 25.61 -14.97 6.23
N ALA C 76 24.69 -15.91 5.93
CA ALA C 76 24.85 -17.31 6.31
C ALA C 76 25.45 -18.07 5.13
N PRO C 77 26.49 -18.90 5.34
CA PRO C 77 27.07 -19.68 4.26
C PRO C 77 26.06 -20.55 3.49
N TYR C 78 25.16 -21.22 4.23
CA TYR C 78 24.25 -22.19 3.63
C TYR C 78 22.84 -22.01 4.18
N ALA C 79 21.83 -22.33 3.35
CA ALA C 79 20.45 -22.16 3.74
C ALA C 79 19.53 -23.17 3.04
N ILE C 80 18.59 -23.73 3.81
CA ILE C 80 17.53 -24.58 3.29
C ILE C 80 16.20 -23.90 3.63
N PRO C 81 15.33 -23.62 2.64
CA PRO C 81 14.00 -23.07 2.91
C PRO C 81 13.02 -24.19 3.26
N THR C 82 12.20 -23.97 4.31
CA THR C 82 11.30 -25.00 4.78
C THR C 82 9.86 -24.51 4.73
N ALA C 83 8.95 -25.38 5.18
CA ALA C 83 7.53 -25.10 5.21
C ALA C 83 7.13 -24.41 6.50
N SER C 84 8.09 -24.29 7.43
CA SER C 84 7.78 -23.85 8.78
C SER C 84 9.06 -23.55 9.55
N GLY C 85 8.94 -22.62 10.51
CA GLY C 85 9.98 -22.39 11.50
C GLY C 85 10.37 -23.70 12.20
N THR C 86 9.39 -24.52 12.54
CA THR C 86 9.60 -25.69 13.39
C THR C 86 10.44 -26.74 12.65
N SER C 87 10.16 -26.92 11.35
CA SER C 87 10.90 -27.88 10.54
C SER C 87 12.34 -27.43 10.36
N SER C 88 12.55 -26.11 10.26
CA SER C 88 13.88 -25.56 10.05
C SER C 88 14.75 -25.83 11.27
N LEU C 89 14.16 -25.81 12.47
CA LEU C 89 14.89 -26.10 13.70
C LEU C 89 15.21 -27.59 13.77
N HIS C 90 14.25 -28.42 13.36
CA HIS C 90 14.49 -29.85 13.25
C HIS C 90 15.75 -30.09 12.41
N LEU C 91 15.80 -29.49 11.22
CA LEU C 91 16.90 -29.67 10.27
C LEU C 91 18.18 -29.03 10.81
N ALA C 92 18.04 -27.89 11.48
CA ALA C 92 19.17 -27.21 12.10
C ALA C 92 19.84 -28.11 13.13
N LEU C 93 19.03 -28.91 13.84
CA LEU C 93 19.52 -29.76 14.90
C LEU C 93 20.23 -30.98 14.33
N VAL C 94 19.57 -31.67 13.38
CA VAL C 94 20.09 -32.90 12.80
C VAL C 94 21.41 -32.62 12.10
N GLY C 95 21.39 -31.62 11.21
CA GLY C 95 22.53 -31.24 10.39
C GLY C 95 23.76 -30.90 11.24
N ALA C 96 23.54 -30.31 12.41
CA ALA C 96 24.63 -29.87 13.27
C ALA C 96 25.26 -31.03 14.03
N GLY C 97 24.58 -32.19 14.05
CA GLY C 97 25.15 -33.43 14.57
C GLY C 97 24.37 -34.04 15.74
N VAL C 98 23.15 -33.54 16.00
CA VAL C 98 22.32 -34.08 17.07
C VAL C 98 21.72 -35.40 16.59
N LYS C 99 21.89 -36.45 17.40
CA LYS C 99 21.44 -37.79 17.06
C LYS C 99 20.50 -38.28 18.17
N ALA C 100 19.74 -39.33 17.85
CA ALA C 100 18.70 -39.84 18.73
C ALA C 100 19.32 -40.22 20.08
N GLY C 101 18.82 -39.62 21.16
CA GLY C 101 19.24 -39.96 22.51
C GLY C 101 20.01 -38.83 23.19
N ASP C 102 20.49 -37.87 22.39
CA ASP C 102 21.28 -36.76 22.89
C ASP C 102 20.37 -35.81 23.69
N GLU C 103 20.98 -35.06 24.60
CA GLU C 103 20.27 -34.03 25.36
C GLU C 103 20.62 -32.67 24.78
N VAL C 104 19.59 -31.82 24.58
CA VAL C 104 19.78 -30.47 24.09
C VAL C 104 19.31 -29.50 25.17
N ILE C 105 20.21 -28.61 25.61
CA ILE C 105 19.89 -27.65 26.64
C ILE C 105 19.10 -26.51 25.99
N VAL C 106 17.82 -26.38 26.37
CA VAL C 106 16.96 -25.29 25.93
C VAL C 106 16.46 -24.53 27.15
N PRO C 107 16.08 -23.25 26.98
CA PRO C 107 15.43 -22.50 28.05
C PRO C 107 14.01 -23.05 28.26
N ALA C 108 13.52 -22.93 29.49
CA ALA C 108 12.16 -23.34 29.83
C ALA C 108 11.14 -22.37 29.22
N PHE C 109 11.59 -21.15 28.92
CA PHE C 109 10.73 -20.10 28.39
C PHE C 109 11.03 -19.87 26.92
N THR C 110 10.13 -20.37 26.07
CA THR C 110 10.14 -20.12 24.63
C THR C 110 8.88 -20.79 24.06
N PHE C 111 8.66 -20.64 22.75
CA PHE C 111 7.53 -21.26 22.09
C PHE C 111 7.71 -22.78 22.09
N ILE C 112 6.59 -23.51 22.12
CA ILE C 112 6.60 -24.96 22.21
C ILE C 112 7.43 -25.55 21.07
N ALA C 113 7.40 -24.90 19.89
CA ALA C 113 8.04 -25.41 18.69
C ALA C 113 9.55 -25.61 18.90
N THR C 114 10.18 -24.74 19.71
CA THR C 114 11.58 -24.91 20.05
C THR C 114 11.80 -26.35 20.51
N ALA C 115 11.06 -26.75 21.55
CA ALA C 115 11.29 -28.01 22.22
C ALA C 115 10.81 -29.17 21.33
N GLN C 116 9.72 -28.94 20.60
CA GLN C 116 9.17 -29.95 19.71
C GLN C 116 10.17 -30.26 18.59
N ALA C 117 10.94 -29.26 18.16
CA ALA C 117 12.01 -29.47 17.20
C ALA C 117 13.02 -30.48 17.74
N ILE C 118 13.37 -30.35 19.03
CA ILE C 118 14.35 -31.21 19.69
C ILE C 118 13.82 -32.65 19.75
N VAL C 119 12.52 -32.80 20.05
CA VAL C 119 11.91 -34.12 20.18
C VAL C 119 11.81 -34.77 18.80
N ALA C 120 11.56 -33.96 17.77
CA ALA C 120 11.52 -34.45 16.40
C ALA C 120 12.92 -34.94 15.97
N ALA C 121 13.96 -34.34 16.57
CA ALA C 121 15.33 -34.74 16.31
C ALA C 121 15.70 -35.98 17.14
N LYS C 122 14.71 -36.54 17.84
CA LYS C 122 14.86 -37.75 18.63
C LYS C 122 15.80 -37.47 19.81
N ALA C 123 15.84 -36.21 20.25
CA ALA C 123 16.68 -35.78 21.35
C ALA C 123 15.82 -35.38 22.53
N ILE C 124 16.46 -35.09 23.66
CA ILE C 124 15.80 -34.90 24.94
C ILE C 124 15.98 -33.46 25.38
N PRO C 125 14.92 -32.63 25.41
CA PRO C 125 15.02 -31.28 25.96
C PRO C 125 15.42 -31.27 27.44
N VAL C 126 16.51 -30.55 27.73
CA VAL C 126 16.90 -30.26 29.11
C VAL C 126 16.64 -28.78 29.37
N PHE C 127 15.59 -28.51 30.16
CA PHE C 127 15.08 -27.16 30.33
C PHE C 127 15.94 -26.42 31.36
N ALA C 128 16.11 -25.11 31.13
CA ALA C 128 16.96 -24.27 31.95
C ALA C 128 16.27 -22.93 32.20
N ASP C 129 16.67 -22.26 33.28
CA ASP C 129 16.11 -20.97 33.65
C ASP C 129 16.75 -19.88 32.80
N ILE C 130 16.14 -18.69 32.83
CA ILE C 130 16.56 -17.57 32.00
C ILE C 130 17.20 -16.49 32.87
N ASP C 131 17.81 -15.50 32.21
CA ASP C 131 18.33 -14.31 32.87
C ASP C 131 17.16 -13.38 33.15
N PRO C 132 17.06 -12.77 34.36
CA PRO C 132 15.90 -11.93 34.71
C PRO C 132 15.62 -10.73 33.81
N GLN C 133 16.59 -10.36 32.95
CA GLN C 133 16.53 -9.09 32.22
C GLN C 133 16.50 -9.30 30.71
N THR C 134 17.37 -10.18 30.20
CA THR C 134 17.41 -10.52 28.79
C THR C 134 16.28 -11.48 28.46
N TYR C 135 15.90 -12.30 29.45
CA TYR C 135 14.85 -13.30 29.34
C TYR C 135 15.31 -14.48 28.47
N CYS C 136 16.61 -14.49 28.12
CA CYS C 136 17.18 -15.56 27.33
C CYS C 136 17.86 -16.57 28.25
N LEU C 137 18.26 -17.71 27.68
CA LEU C 137 18.86 -18.81 28.42
C LEU C 137 20.02 -18.29 29.26
N ASP C 138 19.95 -18.52 30.58
CA ASP C 138 20.95 -18.04 31.52
C ASP C 138 22.21 -18.88 31.36
N PRO C 139 23.38 -18.29 31.00
CA PRO C 139 24.62 -19.03 30.86
C PRO C 139 25.16 -19.56 32.19
N ARG C 140 24.85 -18.87 33.29
CA ARG C 140 25.33 -19.23 34.61
C ARG C 140 24.77 -20.59 35.01
N GLN C 141 23.53 -20.87 34.59
CA GLN C 141 22.87 -22.15 34.80
C GLN C 141 23.73 -23.30 34.28
N LEU C 142 24.22 -23.15 33.04
CA LEU C 142 24.54 -24.26 32.15
C LEU C 142 25.39 -25.35 32.82
N ASP C 143 26.34 -25.00 33.68
CA ASP C 143 27.21 -26.00 34.30
C ASP C 143 26.39 -27.18 34.83
N LYS C 144 25.32 -26.88 35.57
CA LYS C 144 24.56 -27.87 36.31
C LYS C 144 23.83 -28.82 35.36
N LYS C 145 23.51 -28.34 34.14
CA LYS C 145 22.63 -29.06 33.23
C LYS C 145 23.39 -29.95 32.25
N VAL C 146 24.74 -30.01 32.37
CA VAL C 146 25.56 -30.77 31.44
C VAL C 146 25.64 -32.22 31.92
N THR C 147 25.52 -33.16 30.98
CA THR C 147 25.79 -34.57 31.23
C THR C 147 26.66 -35.11 30.11
N ALA C 148 26.89 -36.42 30.12
CA ALA C 148 27.59 -37.09 29.03
C ALA C 148 26.71 -37.12 27.77
N ARG C 149 25.39 -36.93 27.92
CA ARG C 149 24.45 -37.02 26.82
C ARG C 149 24.29 -35.67 26.12
N THR C 150 24.71 -34.59 26.79
CA THR C 150 24.57 -33.25 26.25
C THR C 150 25.36 -33.14 24.95
N LYS C 151 24.66 -32.80 23.86
CA LYS C 151 25.25 -32.72 22.53
C LYS C 151 25.24 -31.27 22.03
N ALA C 152 24.11 -30.59 22.21
CA ALA C 152 23.95 -29.23 21.70
C ALA C 152 23.38 -28.32 22.78
N VAL C 153 23.53 -27.00 22.56
CA VAL C 153 22.85 -25.99 23.34
C VAL C 153 22.08 -25.09 22.38
N MET C 154 20.80 -24.86 22.69
CA MET C 154 19.89 -24.21 21.77
C MET C 154 19.33 -22.95 22.42
N PRO C 155 20.02 -21.79 22.33
CA PRO C 155 19.48 -20.53 22.84
C PRO C 155 18.40 -19.97 21.91
N VAL C 156 17.44 -19.26 22.52
CA VAL C 156 16.39 -18.59 21.77
C VAL C 156 16.63 -17.09 21.90
N HIS C 157 16.64 -16.39 20.75
CA HIS C 157 16.67 -14.94 20.73
C HIS C 157 15.24 -14.44 20.95
N VAL C 158 14.75 -14.62 22.18
CA VAL C 158 13.32 -14.54 22.46
C VAL C 158 12.94 -13.07 22.57
N HIS C 159 11.78 -12.72 22.01
CA HIS C 159 11.29 -11.36 21.83
C HIS C 159 12.02 -10.64 20.69
N GLY C 160 13.14 -11.21 20.21
CA GLY C 160 13.97 -10.54 19.21
C GLY C 160 15.26 -9.98 19.79
N LEU C 161 15.46 -10.17 21.11
CA LEU C 161 16.72 -9.83 21.76
C LEU C 161 17.71 -10.96 21.54
N PRO C 162 18.95 -10.68 21.07
CA PRO C 162 19.97 -11.72 20.96
C PRO C 162 20.39 -12.23 22.32
N ALA C 163 20.47 -13.55 22.46
CA ALA C 163 20.95 -14.17 23.69
C ALA C 163 22.46 -13.99 23.82
N ASP C 164 23.02 -14.49 24.92
CA ASP C 164 24.39 -14.22 25.31
C ASP C 164 25.32 -15.18 24.57
N ILE C 165 25.47 -14.98 23.26
CA ILE C 165 26.23 -15.87 22.40
C ILE C 165 27.69 -15.93 22.85
N ASP C 166 28.26 -14.78 23.23
CA ASP C 166 29.64 -14.72 23.66
C ASP C 166 29.88 -15.82 24.71
N ALA C 167 28.98 -15.91 25.70
CA ALA C 167 29.14 -16.84 26.80
C ALA C 167 28.76 -18.26 26.38
N LEU C 168 27.59 -18.41 25.75
CA LEU C 168 27.08 -19.72 25.38
C LEU C 168 28.01 -20.40 24.37
N ALA C 169 28.68 -19.59 23.53
CA ALA C 169 29.60 -20.12 22.54
C ALA C 169 30.81 -20.74 23.23
N SER C 170 31.39 -20.01 24.19
CA SER C 170 32.59 -20.45 24.88
C SER C 170 32.31 -21.74 25.66
N PHE C 171 31.10 -21.85 26.20
CA PHE C 171 30.66 -23.02 26.93
C PHE C 171 30.60 -24.22 26.00
N CYS C 172 30.21 -23.97 24.74
CA CYS C 172 30.00 -25.04 23.78
C CYS C 172 31.34 -25.54 23.23
N ARG C 173 32.26 -24.62 22.92
CA ARG C 173 33.58 -25.02 22.46
C ARG C 173 34.27 -25.79 23.58
N GLN C 174 34.03 -25.36 24.83
CA GLN C 174 34.71 -25.92 25.99
C GLN C 174 34.21 -27.33 26.28
N HIS C 175 32.89 -27.58 26.19
CA HIS C 175 32.32 -28.87 26.52
C HIS C 175 32.06 -29.71 25.27
N GLN C 176 32.61 -29.28 24.13
CA GLN C 176 32.49 -29.98 22.86
C GLN C 176 31.03 -30.11 22.43
N LEU C 177 30.24 -29.05 22.66
CA LEU C 177 28.82 -29.04 22.34
C LEU C 177 28.60 -28.21 21.08
N ALA C 178 27.57 -28.58 20.30
CA ALA C 178 27.12 -27.76 19.19
C ALA C 178 26.28 -26.61 19.71
N LEU C 179 26.15 -25.55 18.90
CA LEU C 179 25.26 -24.44 19.23
C LEU C 179 24.28 -24.22 18.07
N ILE C 180 22.98 -24.35 18.39
CA ILE C 180 21.90 -24.20 17.43
C ILE C 180 21.01 -23.05 17.90
N GLU C 181 20.82 -22.02 17.07
CA GLU C 181 20.02 -20.88 17.47
C GLU C 181 18.57 -21.08 17.01
N ASP C 182 17.64 -20.63 17.87
CA ASP C 182 16.28 -20.31 17.45
C ASP C 182 16.18 -18.80 17.25
N ALA C 183 16.14 -18.37 15.98
CA ALA C 183 16.13 -16.97 15.63
C ALA C 183 14.75 -16.54 15.10
N SER C 184 13.70 -17.19 15.61
CA SER C 184 12.37 -17.08 15.05
C SER C 184 11.69 -15.75 15.38
N HIS C 185 12.28 -14.97 16.29
CA HIS C 185 11.79 -13.64 16.62
C HIS C 185 12.81 -12.56 16.27
N ALA C 186 14.01 -12.97 15.84
CA ALA C 186 15.16 -12.09 15.78
C ALA C 186 15.56 -11.85 14.32
N HIS C 187 14.56 -11.59 13.49
CA HIS C 187 14.80 -11.13 12.14
C HIS C 187 15.44 -9.75 12.25
N SER C 188 16.68 -9.63 11.75
CA SER C 188 17.39 -8.36 11.65
C SER C 188 18.07 -7.97 12.96
N ALA C 189 17.82 -8.72 14.04
CA ALA C 189 18.56 -8.51 15.27
C ALA C 189 20.03 -8.86 15.01
N THR C 190 20.94 -8.07 15.59
CA THR C 190 22.37 -8.26 15.40
C THR C 190 23.07 -8.33 16.75
N LEU C 191 24.27 -8.91 16.71
CA LEU C 191 25.19 -8.90 17.83
C LEU C 191 26.59 -8.69 17.27
N HIS C 192 27.27 -7.63 17.73
CA HIS C 192 28.55 -7.22 17.18
C HIS C 192 28.39 -6.91 15.68
N GLY C 193 27.21 -6.42 15.29
CA GLY C 193 26.94 -6.05 13.91
C GLY C 193 26.59 -7.24 13.01
N ARG C 194 26.65 -8.47 13.55
CA ARG C 194 26.38 -9.67 12.76
C ARG C 194 24.98 -10.17 13.12
N TYR C 195 24.22 -10.62 12.10
CA TYR C 195 22.83 -10.99 12.26
C TYR C 195 22.70 -12.29 13.07
N CYS C 196 21.64 -12.36 13.89
CA CYS C 196 21.24 -13.61 14.50
C CYS C 196 20.95 -14.62 13.40
N GLY C 197 21.38 -15.87 13.60
CA GLY C 197 21.25 -16.92 12.61
C GLY C 197 22.60 -17.35 12.04
N THR C 198 23.66 -16.57 12.32
CA THR C 198 24.97 -16.79 11.73
C THR C 198 25.99 -17.24 12.78
N PHE C 199 25.64 -17.15 14.07
CA PHE C 199 26.58 -17.46 15.15
C PHE C 199 26.68 -18.97 15.35
N GLY C 200 25.52 -19.66 15.30
CA GLY C 200 25.47 -21.06 15.66
C GLY C 200 26.04 -21.93 14.55
N ASP C 201 26.43 -23.16 14.94
CA ASP C 201 26.76 -24.23 14.02
C ASP C 201 25.62 -24.40 13.02
N ALA C 202 24.39 -24.33 13.52
CA ALA C 202 23.20 -24.15 12.69
C ALA C 202 22.20 -23.29 13.44
N ALA C 203 21.10 -22.95 12.76
CA ALA C 203 20.03 -22.16 13.34
C ALA C 203 18.77 -22.33 12.51
N GLY C 204 17.61 -22.19 13.17
CA GLY C 204 16.32 -22.19 12.51
C GLY C 204 15.56 -20.89 12.78
N GLN C 205 14.63 -20.54 11.89
CA GLN C 205 13.96 -19.26 11.94
C GLN C 205 12.60 -19.34 11.27
N SER C 206 11.55 -19.06 12.05
CA SER C 206 10.21 -18.87 11.54
C SER C 206 10.21 -17.70 10.56
N LEU C 207 9.51 -17.88 9.44
CA LEU C 207 9.22 -16.80 8.51
C LEU C 207 7.72 -16.71 8.33
N MET C 208 6.99 -16.94 9.43
CA MET C 208 5.54 -16.91 9.44
C MET C 208 5.10 -15.44 9.37
N ALA C 209 3.84 -15.23 8.95
CA ALA C 209 3.33 -13.88 8.69
C ALA C 209 3.21 -13.04 9.97
N ASP C 210 3.40 -13.65 11.15
CA ASP C 210 3.31 -12.94 12.41
C ASP C 210 4.69 -12.44 12.87
N LYS C 211 5.70 -12.59 12.00
CA LYS C 211 7.07 -12.24 12.35
C LYS C 211 7.47 -10.96 11.63
N ASN C 212 8.48 -10.26 12.16
CA ASN C 212 8.85 -8.93 11.70
C ASN C 212 9.24 -8.93 10.22
N PHE C 213 9.89 -10.03 9.79
CA PHE C 213 10.09 -10.29 8.38
C PHE C 213 9.13 -11.41 7.98
N PRO C 214 7.91 -11.06 7.49
CA PRO C 214 6.87 -12.06 7.27
C PRO C 214 6.85 -12.63 5.85
N LEU C 215 6.72 -13.95 5.72
CA LEU C 215 6.43 -14.58 4.45
C LEU C 215 4.93 -14.81 4.36
N GLY C 216 4.46 -15.29 3.20
CA GLY C 216 3.04 -15.30 2.88
C GLY C 216 2.30 -16.49 3.50
N GLY C 217 2.36 -16.60 4.83
CA GLY C 217 1.67 -17.64 5.55
C GLY C 217 2.59 -18.39 6.50
N GLU C 218 2.78 -19.69 6.24
CA GLU C 218 3.72 -20.51 6.99
C GLU C 218 5.00 -20.64 6.16
N ALA C 219 6.14 -20.54 6.85
CA ALA C 219 7.44 -20.61 6.22
C ALA C 219 8.53 -20.58 7.29
N GLY C 220 9.69 -21.16 6.96
CA GLY C 220 10.86 -21.05 7.80
C GLY C 220 12.12 -21.23 6.98
N ILE C 221 13.28 -21.02 7.61
CA ILE C 221 14.56 -21.19 6.93
C ILE C 221 15.60 -21.64 7.95
N ALA C 222 16.43 -22.61 7.52
CA ALA C 222 17.52 -23.12 8.33
C ALA C 222 18.85 -22.61 7.79
N PHE C 223 19.72 -22.16 8.69
CA PHE C 223 21.06 -21.70 8.32
C PHE C 223 22.10 -22.67 8.88
N PHE C 224 23.19 -22.83 8.13
CA PHE C 224 24.29 -23.69 8.51
C PHE C 224 25.61 -22.95 8.27
N LYS C 225 26.58 -23.15 9.17
CA LYS C 225 27.86 -22.48 9.09
C LYS C 225 28.77 -23.24 8.13
N GLU C 226 28.87 -24.56 8.32
CA GLU C 226 29.76 -25.40 7.52
C GLU C 226 28.94 -26.25 6.56
N ARG C 227 29.56 -26.68 5.47
CA ARG C 227 28.89 -27.45 4.43
C ARG C 227 28.50 -28.82 4.95
N GLU C 228 29.33 -29.37 5.85
CA GLU C 228 29.09 -30.67 6.47
C GLU C 228 27.68 -30.71 7.09
N SER C 229 27.32 -29.63 7.79
CA SER C 229 26.02 -29.54 8.45
C SER C 229 24.90 -29.46 7.41
N TYR C 230 25.11 -28.62 6.39
CA TYR C 230 24.14 -28.45 5.31
C TYR C 230 23.90 -29.78 4.61
N ASP C 231 24.97 -30.56 4.41
CA ASP C 231 24.88 -31.83 3.69
C ASP C 231 24.12 -32.86 4.52
N ARG C 232 24.40 -32.88 5.83
CA ARG C 232 23.78 -33.84 6.72
C ARG C 232 22.27 -33.59 6.80
N ALA C 233 21.90 -32.30 6.83
CA ALA C 233 20.50 -31.91 6.88
C ALA C 233 19.77 -32.31 5.59
N LEU C 234 20.47 -32.18 4.44
CA LEU C 234 19.89 -32.54 3.16
C LEU C 234 19.83 -34.07 3.02
N ALA C 235 20.86 -34.75 3.53
CA ALA C 235 20.87 -36.20 3.57
C ALA C 235 19.68 -36.70 4.36
N PHE C 236 19.44 -36.08 5.53
CA PHE C 236 18.37 -36.45 6.44
C PHE C 236 17.00 -36.38 5.75
N LEU C 237 16.82 -35.40 4.85
CA LEU C 237 15.57 -35.26 4.11
C LEU C 237 15.37 -36.46 3.18
N GLU C 238 16.47 -36.94 2.57
CA GLU C 238 16.43 -38.09 1.68
C GLU C 238 16.05 -39.35 2.46
N GLU C 239 16.72 -39.56 3.59
CA GLU C 239 16.55 -40.76 4.41
C GLU C 239 15.18 -40.78 5.08
N SER C 240 14.76 -39.63 5.64
CA SER C 240 13.59 -39.55 6.49
C SER C 240 12.30 -39.66 5.68
N GLY C 241 12.30 -39.06 4.48
CA GLY C 241 11.13 -39.05 3.62
C GLY C 241 10.16 -37.93 3.99
N LEU C 242 10.59 -37.01 4.87
CA LEU C 242 9.80 -35.84 5.23
C LEU C 242 9.77 -34.87 4.06
N ASP C 243 8.58 -34.32 3.77
CA ASP C 243 8.43 -33.24 2.81
C ASP C 243 8.29 -31.92 3.58
N TYR C 244 9.41 -31.20 3.73
CA TYR C 244 9.48 -29.99 4.52
C TYR C 244 9.62 -28.77 3.60
N ARG C 245 9.13 -28.86 2.37
CA ARG C 245 9.43 -27.86 1.36
C ARG C 245 8.54 -26.64 1.51
N MET C 246 9.08 -25.48 1.13
CA MET C 246 8.37 -24.21 1.17
C MET C 246 7.44 -24.09 -0.03
N SER C 247 6.37 -23.32 0.15
CA SER C 247 5.47 -22.93 -0.93
C SER C 247 6.05 -21.72 -1.65
N TRP C 248 5.90 -21.68 -2.97
CA TRP C 248 6.37 -20.54 -3.74
C TRP C 248 5.57 -19.30 -3.33
N VAL C 249 4.26 -19.48 -3.15
CA VAL C 249 3.38 -18.38 -2.75
C VAL C 249 3.96 -17.72 -1.50
N ALA C 250 4.40 -18.54 -0.55
CA ALA C 250 4.92 -18.02 0.71
C ALA C 250 6.20 -17.24 0.45
N ALA C 251 7.05 -17.77 -0.44
CA ALA C 251 8.37 -17.20 -0.70
C ALA C 251 8.25 -15.92 -1.52
N ALA C 252 7.29 -15.90 -2.45
CA ALA C 252 7.07 -14.72 -3.29
C ALA C 252 6.79 -13.50 -2.41
N PHE C 253 5.99 -13.69 -1.36
CA PHE C 253 5.68 -12.63 -0.42
C PHE C 253 6.97 -12.19 0.28
N GLY C 254 7.85 -13.14 0.60
CA GLY C 254 9.12 -12.85 1.24
C GLY C 254 10.02 -11.97 0.36
N ILE C 255 10.02 -12.25 -0.96
CA ILE C 255 10.89 -11.57 -1.90
C ILE C 255 10.58 -10.07 -1.89
N SER C 256 9.30 -9.74 -2.11
CA SER C 256 8.87 -8.35 -2.10
C SER C 256 9.11 -7.73 -0.73
N GLN C 257 8.65 -8.41 0.33
CA GLN C 257 8.75 -7.93 1.70
C GLN C 257 10.20 -7.54 2.02
N LEU C 258 11.15 -8.37 1.58
CA LEU C 258 12.55 -8.20 1.92
C LEU C 258 13.08 -6.87 1.41
N ASP C 259 12.57 -6.38 0.27
CA ASP C 259 13.04 -5.12 -0.29
C ASP C 259 12.69 -3.95 0.63
N ARG C 260 11.60 -4.08 1.41
CA ARG C 260 11.12 -3.00 2.24
C ARG C 260 11.41 -3.25 3.73
N LEU C 261 12.09 -4.35 4.06
CA LEU C 261 12.29 -4.76 5.43
C LEU C 261 13.07 -3.70 6.21
N ASP C 262 14.08 -3.10 5.58
CA ASP C 262 14.96 -2.15 6.25
C ASP C 262 14.18 -0.92 6.65
N TYR C 263 13.19 -0.53 5.84
CA TYR C 263 12.37 0.64 6.09
C TYR C 263 11.50 0.41 7.33
N TYR C 264 10.78 -0.72 7.34
CA TYR C 264 9.90 -1.06 8.43
C TYR C 264 10.71 -1.26 9.72
N ASP C 265 11.93 -1.81 9.59
CA ASP C 265 12.80 -2.07 10.72
C ASP C 265 13.25 -0.76 11.36
N GLU C 266 13.49 0.25 10.52
CA GLU C 266 13.98 1.55 10.99
C GLU C 266 12.91 2.20 11.86
N ILE C 267 11.64 2.12 11.42
CA ILE C 267 10.54 2.64 12.21
C ILE C 267 10.45 1.87 13.54
N ARG C 268 10.53 0.53 13.48
CA ARG C 268 10.45 -0.29 14.68
C ARG C 268 11.51 0.12 15.71
N GLN C 269 12.75 0.31 15.24
CA GLN C 269 13.87 0.64 16.12
C GLN C 269 13.64 1.98 16.80
N ARG C 270 13.35 3.03 16.02
CA ARG C 270 13.17 4.38 16.53
C ARG C 270 11.96 4.43 17.46
N ASN C 271 10.87 3.74 17.09
CA ASN C 271 9.67 3.71 17.91
C ASN C 271 9.98 3.06 19.26
N ALA C 272 10.53 1.84 19.23
CA ALA C 272 10.84 1.09 20.43
C ALA C 272 11.82 1.84 21.32
N GLN C 273 12.79 2.52 20.69
CA GLN C 273 13.83 3.22 21.43
C GLN C 273 13.21 4.38 22.20
N ARG C 274 12.33 5.13 21.53
CA ARG C 274 11.67 6.27 22.15
C ARG C 274 10.87 5.82 23.37
N LEU C 275 10.22 4.65 23.25
CA LEU C 275 9.40 4.13 24.33
C LEU C 275 10.28 3.71 25.50
N ILE C 276 11.40 3.04 25.23
CA ILE C 276 12.33 2.65 26.28
C ILE C 276 12.73 3.90 27.06
N ASP C 277 13.12 4.96 26.35
CA ASP C 277 13.57 6.20 26.96
C ASP C 277 12.47 6.82 27.81
N GLU C 278 11.22 6.76 27.34
CA GLU C 278 10.10 7.40 28.02
C GLU C 278 9.70 6.60 29.27
N LEU C 279 9.74 5.27 29.17
CA LEU C 279 9.37 4.41 30.29
C LEU C 279 10.42 4.50 31.40
N ALA C 280 11.65 4.92 31.04
CA ALA C 280 12.73 5.09 32.01
C ALA C 280 12.51 6.30 32.92
N THR C 281 11.61 7.23 32.52
CA THR C 281 11.29 8.37 33.36
C THR C 281 10.21 8.01 34.37
N THR C 282 9.46 6.92 34.11
CA THR C 282 8.36 6.51 34.97
C THR C 282 8.90 5.70 36.14
N ARG C 283 8.13 5.68 37.23
CA ARG C 283 8.49 4.94 38.43
C ARG C 283 8.01 3.50 38.35
N LEU C 284 7.03 3.22 37.48
CA LEU C 284 6.30 1.97 37.53
C LEU C 284 6.78 0.99 36.45
N PHE C 285 7.32 1.49 35.34
CA PHE C 285 7.54 0.69 34.14
C PHE C 285 8.99 0.81 33.68
N THR C 286 9.50 -0.29 33.08
CA THR C 286 10.82 -0.32 32.47
C THR C 286 10.76 -1.17 31.22
N GLY C 287 11.26 -0.61 30.10
CA GLY C 287 11.40 -1.34 28.85
C GLY C 287 12.53 -2.37 28.94
N PRO C 288 12.72 -3.20 27.90
CA PRO C 288 13.71 -4.28 27.95
C PRO C 288 15.15 -3.80 28.02
N MET C 289 15.95 -4.48 28.86
CA MET C 289 17.38 -4.27 28.92
C MET C 289 18.02 -4.80 27.64
N ILE C 290 18.97 -4.04 27.09
CA ILE C 290 19.65 -4.40 25.84
C ILE C 290 21.17 -4.29 26.04
N PRO C 291 21.94 -5.41 26.02
CA PRO C 291 23.39 -5.35 26.04
C PRO C 291 23.97 -4.44 24.94
N ALA C 292 25.18 -3.94 25.17
CA ALA C 292 25.76 -2.86 24.38
C ALA C 292 26.02 -3.31 22.95
N ALA C 293 26.33 -4.60 22.76
CA ALA C 293 26.71 -5.12 21.46
C ALA C 293 25.48 -5.51 20.62
N ALA C 294 24.29 -5.52 21.26
CA ALA C 294 23.12 -6.15 20.67
C ALA C 294 22.19 -5.10 20.09
N LYS C 295 21.50 -5.48 18.99
CA LYS C 295 20.38 -4.71 18.47
C LYS C 295 19.12 -5.58 18.51
N HIS C 296 18.11 -5.10 19.23
CA HIS C 296 16.84 -5.79 19.43
C HIS C 296 15.98 -5.60 18.18
N SER C 297 15.28 -6.65 17.72
CA SER C 297 14.38 -6.53 16.58
C SER C 297 13.00 -6.05 17.04
N PHE C 298 12.69 -6.28 18.32
CA PHE C 298 11.48 -5.78 18.96
C PHE C 298 10.25 -6.43 18.35
N ASN C 299 10.31 -7.75 18.13
CA ASN C 299 9.17 -8.54 17.72
C ASN C 299 8.14 -8.51 18.84
N MET C 300 8.64 -8.48 20.08
CA MET C 300 7.81 -8.29 21.25
C MET C 300 8.55 -7.34 22.19
N PHE C 301 7.79 -6.46 22.86
CA PHE C 301 8.34 -5.49 23.78
C PHE C 301 7.84 -5.83 25.17
N ARG C 302 8.70 -6.44 26.00
CA ARG C 302 8.31 -6.84 27.34
C ARG C 302 8.66 -5.72 28.33
N ILE C 303 7.68 -5.36 29.17
CA ILE C 303 7.81 -4.26 30.11
C ILE C 303 7.85 -4.84 31.53
N LYS C 304 8.85 -4.43 32.31
CA LYS C 304 8.97 -4.85 33.69
C LYS C 304 8.09 -3.94 34.54
N ILE C 305 7.30 -4.55 35.44
CA ILE C 305 6.58 -3.82 36.47
C ILE C 305 7.49 -3.73 37.69
N ASN C 306 7.75 -2.50 38.14
CA ASN C 306 8.39 -2.29 39.43
C ASN C 306 7.37 -2.63 40.51
N THR C 307 7.36 -3.90 40.93
CA THR C 307 6.38 -4.38 41.88
C THR C 307 6.82 -4.12 43.32
N ALA C 308 8.02 -3.53 43.48
CA ALA C 308 8.60 -3.33 44.80
C ALA C 308 8.28 -1.95 45.37
N LEU C 309 7.39 -1.21 44.70
CA LEU C 309 6.97 0.09 45.20
C LEU C 309 6.30 -0.08 46.56
N PRO C 310 6.40 0.93 47.47
CA PRO C 310 5.75 0.86 48.78
C PRO C 310 4.23 0.78 48.70
N GLU C 311 3.64 1.42 47.69
CA GLU C 311 2.19 1.42 47.53
C GLU C 311 1.67 -0.01 47.37
N PHE C 312 2.56 -0.94 47.00
CA PHE C 312 2.16 -2.31 46.71
C PHE C 312 2.61 -3.26 47.83
N LYS C 313 2.63 -2.78 49.07
CA LYS C 313 3.34 -3.45 50.15
C LYS C 313 2.99 -4.93 50.21
N ASP C 314 1.72 -5.25 50.51
CA ASP C 314 1.34 -6.62 50.81
C ASP C 314 0.47 -7.17 49.68
N ILE C 315 0.90 -6.93 48.43
CA ILE C 315 0.13 -7.32 47.26
C ILE C 315 0.99 -8.23 46.39
N PRO C 316 0.52 -9.47 46.09
CA PRO C 316 1.28 -10.38 45.22
C PRO C 316 1.49 -9.75 43.85
N GLU C 317 2.65 -10.02 43.24
CA GLU C 317 3.02 -9.41 41.97
C GLU C 317 1.97 -9.74 40.91
N TYR C 318 1.40 -10.95 40.97
CA TYR C 318 0.47 -11.41 39.94
C TYR C 318 -0.77 -10.51 39.91
N LYS C 319 -1.20 -10.03 41.09
CA LYS C 319 -2.36 -9.15 41.17
C LYS C 319 -2.02 -7.77 40.60
N LEU C 320 -0.77 -7.33 40.79
CA LEU C 320 -0.33 -6.07 40.22
C LEU C 320 -0.37 -6.17 38.69
N LYS C 321 0.00 -7.34 38.16
CA LYS C 321 0.05 -7.55 36.72
C LYS C 321 -1.36 -7.56 36.14
N LEU C 322 -2.25 -8.34 36.77
CA LEU C 322 -3.62 -8.47 36.29
C LEU C 322 -4.34 -7.13 36.37
N ALA C 323 -4.07 -6.37 37.43
CA ALA C 323 -4.64 -5.04 37.59
C ALA C 323 -4.18 -4.12 36.46
N LEU C 324 -2.90 -4.19 36.10
CA LEU C 324 -2.33 -3.33 35.08
C LEU C 324 -2.83 -3.73 33.68
N GLN C 325 -3.05 -5.03 33.46
CA GLN C 325 -3.61 -5.49 32.19
C GLN C 325 -4.99 -4.87 32.00
N GLN C 326 -5.86 -5.03 33.00
CA GLN C 326 -7.21 -4.50 32.90
C GLN C 326 -7.13 -2.99 32.65
N ILE C 327 -6.28 -2.32 33.43
CA ILE C 327 -6.20 -0.86 33.41
C ILE C 327 -5.73 -0.39 32.03
N LEU C 328 -4.66 -1.00 31.52
CA LEU C 328 -4.08 -0.63 30.23
C LEU C 328 -5.04 -0.98 29.09
N ASN C 329 -5.76 -2.11 29.21
CA ASN C 329 -6.63 -2.57 28.15
C ASN C 329 -7.76 -1.58 27.93
N GLU C 330 -8.31 -1.05 29.03
CA GLU C 330 -9.40 -0.08 28.96
C GLU C 330 -8.93 1.23 28.32
N GLU C 331 -7.63 1.55 28.48
CA GLU C 331 -7.04 2.73 27.86
C GLU C 331 -6.84 2.50 26.36
N GLY C 332 -6.72 1.23 25.96
CA GLY C 332 -6.62 0.85 24.55
C GLY C 332 -5.25 0.30 24.16
N VAL C 333 -4.45 -0.11 25.16
CA VAL C 333 -3.17 -0.75 24.93
C VAL C 333 -3.32 -2.22 25.30
N PHE C 334 -3.32 -3.10 24.28
CA PHE C 334 -3.59 -4.52 24.48
C PHE C 334 -2.29 -5.21 24.91
N ALA C 335 -2.14 -5.39 26.22
CA ALA C 335 -0.95 -6.01 26.78
C ALA C 335 -1.28 -7.42 27.27
N ARG C 336 -1.27 -8.37 26.33
CA ARG C 336 -1.44 -9.78 26.64
C ARG C 336 -0.16 -10.33 27.27
N GLU C 337 -0.15 -11.63 27.52
CA GLU C 337 1.03 -12.34 27.95
C GLU C 337 1.34 -13.39 26.88
N TRP C 338 2.62 -13.49 26.48
CA TRP C 338 3.00 -14.35 25.38
C TRP C 338 2.80 -15.82 25.75
N GLN C 339 3.51 -16.27 26.79
CA GLN C 339 3.45 -17.66 27.21
C GLN C 339 3.08 -17.69 28.69
N ASN C 340 1.97 -18.36 29.02
CA ASN C 340 1.48 -18.42 30.38
C ASN C 340 2.14 -19.57 31.15
N THR C 341 2.52 -20.64 30.43
CA THR C 341 3.09 -21.83 31.05
C THR C 341 4.45 -22.13 30.44
N LEU C 342 5.41 -22.54 31.29
CA LEU C 342 6.74 -22.93 30.84
C LEU C 342 6.67 -24.30 30.18
N LEU C 343 7.53 -24.53 29.19
CA LEU C 343 7.43 -25.68 28.31
C LEU C 343 7.53 -27.01 29.07
N PRO C 344 8.23 -27.09 30.22
CA PRO C 344 8.29 -28.35 30.97
C PRO C 344 6.94 -28.76 31.57
N PHE C 345 5.98 -27.82 31.58
CA PHE C 345 4.67 -28.04 32.18
C PHE C 345 3.55 -28.07 31.15
N HIS C 346 3.89 -27.89 29.86
CA HIS C 346 2.97 -28.18 28.77
C HIS C 346 2.78 -29.69 28.68
N LEU C 347 1.61 -30.12 28.20
CA LEU C 347 1.22 -31.52 28.27
C LEU C 347 2.26 -32.42 27.59
N PRO C 348 2.74 -32.10 26.37
CA PRO C 348 3.76 -32.92 25.71
C PRO C 348 4.94 -33.35 26.57
N PHE C 349 5.39 -32.46 27.48
CA PHE C 349 6.51 -32.73 28.35
C PHE C 349 6.04 -33.14 29.75
N GLN C 350 4.73 -33.36 29.90
CA GLN C 350 4.15 -33.96 31.09
C GLN C 350 3.87 -35.43 30.83
N ASN C 351 3.24 -35.75 29.69
CA ASN C 351 2.97 -37.12 29.30
C ASN C 351 4.23 -37.79 28.73
N LYS C 352 5.12 -36.99 28.13
CA LYS C 352 6.38 -37.47 27.58
C LYS C 352 6.13 -38.63 26.63
N LYS C 353 5.18 -38.45 25.71
CA LYS C 353 4.73 -39.51 24.82
C LYS C 353 5.59 -39.53 23.55
N GLY C 354 5.98 -38.36 23.05
CA GLY C 354 6.90 -38.26 21.93
C GLY C 354 6.31 -38.86 20.65
N PHE C 355 7.05 -39.81 20.05
CA PHE C 355 6.61 -40.49 18.84
C PHE C 355 5.65 -41.63 19.18
N GLY C 356 5.34 -41.79 20.48
CA GLY C 356 4.63 -42.96 20.98
C GLY C 356 5.52 -43.75 21.92
N LYS C 357 4.93 -44.28 22.99
CA LYS C 357 5.62 -45.10 23.98
C LYS C 357 6.71 -44.27 24.68
N GLY C 358 6.66 -42.96 24.53
CA GLY C 358 7.68 -42.06 25.08
C GLY C 358 9.03 -42.23 24.38
N TYR C 359 9.03 -42.32 23.05
CA TYR C 359 10.19 -42.81 22.30
C TYR C 359 11.43 -42.03 22.71
N PRO C 360 11.54 -40.72 22.40
CA PRO C 360 12.81 -40.02 22.61
C PRO C 360 13.25 -40.10 24.07
N PHE C 361 12.27 -39.93 24.98
CA PHE C 361 12.53 -39.63 26.37
C PHE C 361 13.14 -40.82 27.12
N PHE C 362 12.76 -42.05 26.73
CA PHE C 362 13.18 -43.22 27.50
C PHE C 362 14.63 -43.59 27.17
N LEU C 363 15.25 -42.91 26.20
CA LEU C 363 16.66 -43.11 25.89
C LEU C 363 17.54 -42.60 27.05
N GLY C 364 17.04 -41.61 27.79
CA GLY C 364 17.83 -40.98 28.85
C GLY C 364 17.10 -41.00 30.19
N ASP C 365 17.82 -40.61 31.25
CA ASP C 365 17.25 -40.57 32.59
C ASP C 365 16.16 -39.50 32.66
N SER C 366 15.02 -39.86 33.26
CA SER C 366 13.90 -38.94 33.40
C SER C 366 14.20 -37.93 34.51
N GLN C 367 14.00 -36.65 34.21
CA GLN C 367 14.16 -35.59 35.21
C GLN C 367 12.78 -34.97 35.42
N GLU C 368 12.18 -35.24 36.59
CA GLU C 368 10.89 -34.68 36.94
C GLU C 368 11.08 -33.19 37.25
N TYR C 369 10.45 -32.33 36.44
CA TYR C 369 10.65 -30.90 36.54
C TYR C 369 9.66 -30.31 37.55
N LYS C 370 10.10 -29.27 38.26
CA LYS C 370 9.29 -28.62 39.28
C LYS C 370 9.46 -27.11 39.18
N HIS C 371 8.44 -26.37 39.62
CA HIS C 371 8.36 -24.92 39.46
C HIS C 371 9.54 -24.21 40.12
N GLU C 372 10.05 -24.79 41.21
CA GLU C 372 11.17 -24.24 41.96
C GLU C 372 12.47 -24.29 41.15
N HIS C 373 12.48 -25.06 40.04
CA HIS C 373 13.65 -25.17 39.18
C HIS C 373 13.79 -23.98 38.24
N PHE C 374 12.72 -23.17 38.09
CA PHE C 374 12.73 -22.03 37.18
C PHE C 374 12.25 -20.77 37.89
N PRO C 375 12.99 -20.27 38.90
CA PRO C 375 12.56 -19.08 39.65
C PRO C 375 12.50 -17.77 38.86
N ASN C 376 13.47 -17.57 37.95
CA ASN C 376 13.57 -16.34 37.19
C ASN C 376 12.48 -16.26 36.13
N ALA C 377 12.22 -17.39 35.45
CA ALA C 377 11.20 -17.46 34.42
C ALA C 377 9.81 -17.21 35.01
N LEU C 378 9.55 -17.70 36.22
CA LEU C 378 8.28 -17.49 36.89
C LEU C 378 8.18 -16.05 37.38
N GLN C 379 9.29 -15.53 37.92
CA GLN C 379 9.39 -14.14 38.34
C GLN C 379 8.96 -13.23 37.18
N MET C 380 9.39 -13.57 35.96
CA MET C 380 9.10 -12.77 34.78
C MET C 380 7.60 -12.81 34.48
N LEU C 381 7.03 -14.02 34.51
CA LEU C 381 5.61 -14.21 34.19
C LEU C 381 4.72 -13.50 35.21
N ARG C 382 5.20 -13.31 36.44
CA ARG C 382 4.43 -12.70 37.50
C ARG C 382 4.49 -11.18 37.44
N SER C 383 5.50 -10.63 36.73
CA SER C 383 5.88 -9.24 36.94
C SER C 383 6.16 -8.49 35.64
N THR C 384 5.78 -9.03 34.47
CA THR C 384 6.01 -8.34 33.21
C THR C 384 4.75 -8.30 32.36
N LEU C 385 4.71 -7.30 31.47
CA LEU C 385 3.64 -7.12 30.50
C LEU C 385 4.26 -7.10 29.11
N VAL C 386 3.64 -7.77 28.14
CA VAL C 386 4.21 -7.92 26.81
C VAL C 386 3.35 -7.15 25.81
N LEU C 387 3.98 -6.26 25.05
CA LEU C 387 3.38 -5.69 23.85
C LEU C 387 3.87 -6.50 22.66
N CYS C 388 2.94 -7.05 21.87
CA CYS C 388 3.30 -7.84 20.70
C CYS C 388 3.07 -6.99 19.45
N ARG C 389 1.84 -7.06 18.92
CA ARG C 389 1.52 -6.56 17.59
C ARG C 389 1.62 -5.04 17.56
N GLU C 390 1.53 -4.40 18.73
CA GLU C 390 1.44 -2.96 18.87
C GLU C 390 2.74 -2.28 18.44
N LEU C 391 3.87 -2.98 18.61
CA LEU C 391 5.19 -2.44 18.32
C LEU C 391 5.91 -3.26 17.25
N ARG C 392 5.30 -4.38 16.82
CA ARG C 392 5.79 -5.14 15.69
C ARG C 392 5.40 -4.40 14.41
N SER C 393 4.14 -3.95 14.39
CA SER C 393 3.66 -3.03 13.38
C SER C 393 4.47 -1.74 13.47
N PRO C 394 4.95 -1.17 12.34
CA PRO C 394 5.68 0.10 12.36
C PRO C 394 4.69 1.25 12.44
N VAL C 395 4.18 1.52 13.64
CA VAL C 395 3.06 2.43 13.84
C VAL C 395 3.55 3.86 13.68
N GLU C 396 2.61 4.76 13.39
CA GLU C 396 2.87 6.17 13.18
C GLU C 396 3.14 6.88 14.51
N TYR C 397 3.64 8.12 14.44
CA TYR C 397 4.04 8.90 15.60
C TYR C 397 2.88 9.05 16.57
N GLU C 398 1.67 9.29 16.03
CA GLU C 398 0.48 9.53 16.82
C GLU C 398 0.16 8.33 17.71
N LYS C 399 0.38 7.11 17.18
CA LYS C 399 0.12 5.88 17.90
C LYS C 399 1.18 5.65 18.98
N LEU C 400 2.43 5.95 18.64
CA LEU C 400 3.53 5.72 19.56
C LEU C 400 3.38 6.63 20.77
N HIS C 401 3.04 7.89 20.52
N HIS C 401 3.05 7.90 20.52
CA HIS C 401 2.84 8.87 21.59
CA HIS C 401 2.84 8.87 21.59
C HIS C 401 1.62 8.46 22.42
C HIS C 401 1.64 8.43 22.42
N SER C 402 0.59 7.92 21.75
CA SER C 402 -0.56 7.36 22.44
C SER C 402 -0.13 6.30 23.46
N TYR C 403 0.82 5.44 23.08
CA TYR C 403 1.36 4.45 24.00
C TYR C 403 2.03 5.17 25.18
N ILE C 404 2.89 6.15 24.87
CA ILE C 404 3.67 6.85 25.89
C ILE C 404 2.72 7.49 26.91
N ILE C 405 1.69 8.19 26.41
CA ILE C 405 0.70 8.83 27.26
C ILE C 405 0.04 7.80 28.17
N THR C 406 -0.26 6.61 27.65
CA THR C 406 -0.98 5.60 28.40
C THR C 406 -0.16 5.17 29.61
N PHE C 407 1.14 4.89 29.40
CA PHE C 407 2.00 4.44 30.47
C PHE C 407 2.23 5.59 31.46
N LYS C 408 2.32 6.83 30.96
CA LYS C 408 2.51 7.97 31.83
C LYS C 408 1.23 8.24 32.63
N LYS C 409 0.07 8.00 32.00
CA LYS C 409 -1.20 8.18 32.68
C LYS C 409 -1.28 7.21 33.85
N VAL C 410 -0.99 5.93 33.61
CA VAL C 410 -1.09 4.90 34.62
C VAL C 410 -0.04 5.16 35.71
N ASP C 411 1.12 5.68 35.31
CA ASP C 411 2.23 5.92 36.22
C ASP C 411 1.87 6.99 37.26
N LYS C 412 0.91 7.87 36.93
CA LYS C 412 0.41 8.84 37.89
C LYS C 412 -0.67 8.23 38.80
N ASN C 413 -1.04 6.96 38.57
CA ASN C 413 -2.13 6.35 39.32
C ASN C 413 -1.65 5.08 40.02
N ILE C 414 -0.41 5.12 40.50
CA ILE C 414 0.19 4.03 41.26
C ILE C 414 -0.73 3.68 42.44
N GLN C 415 -1.31 4.71 43.08
CA GLN C 415 -2.18 4.50 44.22
C GLN C 415 -3.42 3.70 43.82
N ARG C 416 -4.07 4.08 42.70
CA ARG C 416 -5.25 3.36 42.22
C ARG C 416 -4.86 1.96 41.74
N VAL C 417 -3.69 1.84 41.10
CA VAL C 417 -3.21 0.54 40.65
C VAL C 417 -3.13 -0.39 41.85
N ALA C 418 -2.60 0.13 42.96
CA ALA C 418 -2.49 -0.62 44.21
C ALA C 418 -3.86 -1.07 44.71
N GLU C 419 -4.85 -0.14 44.69
CA GLU C 419 -6.18 -0.41 45.18
C GLU C 419 -6.85 -1.48 44.33
N ILE C 420 -6.85 -1.28 42.99
CA ILE C 420 -7.52 -2.20 42.08
C ILE C 420 -6.90 -3.59 42.23
N ALA C 421 -5.56 -3.64 42.29
CA ALA C 421 -4.83 -4.88 42.42
C ALA C 421 -5.24 -5.63 43.69
N SER C 422 -5.31 -4.91 44.81
CA SER C 422 -5.56 -5.52 46.12
C SER C 422 -6.93 -6.19 46.17
N GLN C 423 -7.87 -5.71 45.33
CA GLN C 423 -9.24 -6.18 45.34
C GLN C 423 -9.48 -7.31 44.35
N ILE C 424 -8.41 -7.82 43.72
CA ILE C 424 -8.53 -8.91 42.76
C ILE C 424 -8.63 -10.22 43.52
N ASP C 425 -9.44 -11.15 42.97
CA ASP C 425 -9.70 -12.45 43.59
C ASP C 425 -8.43 -13.29 43.58
N ASP C 426 -8.26 -14.10 44.63
CA ASP C 426 -7.13 -15.01 44.75
C ASP C 426 -7.28 -16.13 43.73
N VAL C 427 -6.15 -16.69 43.29
CA VAL C 427 -6.11 -17.74 42.28
C VAL C 427 -5.99 -19.10 42.98
N GLU D 12 -3.80 -23.19 -13.99
CA GLU D 12 -3.74 -23.22 -15.48
C GLU D 12 -3.99 -21.82 -16.05
N GLN D 13 -4.89 -21.06 -15.41
CA GLN D 13 -5.11 -19.66 -15.73
C GLN D 13 -4.38 -18.78 -14.73
N LEU D 14 -3.51 -17.91 -15.26
CA LEU D 14 -2.67 -17.04 -14.46
C LEU D 14 -3.54 -15.98 -13.77
N PHE D 15 -4.63 -15.59 -14.43
CA PHE D 15 -5.52 -14.57 -13.92
C PHE D 15 -6.27 -15.10 -12.69
N GLN D 16 -6.82 -16.31 -12.79
CA GLN D 16 -7.55 -16.92 -11.69
C GLN D 16 -6.69 -16.97 -10.42
N VAL D 17 -5.45 -17.44 -10.57
CA VAL D 17 -4.53 -17.60 -9.45
C VAL D 17 -4.16 -16.24 -8.88
N SER D 18 -3.81 -15.30 -9.77
CA SER D 18 -3.47 -13.94 -9.38
C SER D 18 -4.63 -13.29 -8.64
N PHE D 19 -5.85 -13.50 -9.15
CA PHE D 19 -7.04 -12.82 -8.62
C PHE D 19 -7.28 -13.25 -7.18
N VAL D 20 -7.09 -14.54 -6.89
CA VAL D 20 -7.38 -15.08 -5.57
C VAL D 20 -6.29 -14.61 -4.60
N LEU D 21 -5.04 -14.67 -5.04
CA LEU D 21 -3.92 -14.21 -4.22
C LEU D 21 -4.08 -12.72 -3.94
N ALA D 22 -4.50 -11.97 -4.96
CA ALA D 22 -4.83 -10.56 -4.78
C ALA D 22 -5.92 -10.42 -3.73
N ARG D 23 -6.99 -11.20 -3.87
CA ARG D 23 -8.18 -11.06 -3.04
C ARG D 23 -7.83 -11.26 -1.57
N VAL D 24 -7.11 -12.35 -1.28
CA VAL D 24 -6.78 -12.72 0.08
C VAL D 24 -5.80 -11.71 0.66
N LEU D 25 -4.79 -11.33 -0.13
CA LEU D 25 -3.83 -10.32 0.30
C LEU D 25 -4.56 -9.02 0.65
N THR D 26 -5.58 -8.66 -0.15
CA THR D 26 -6.32 -7.44 0.09
C THR D 26 -7.12 -7.57 1.39
N SER D 27 -7.56 -8.79 1.72
CA SER D 27 -8.27 -9.03 2.97
C SER D 27 -7.38 -8.73 4.17
N GLY D 28 -6.08 -8.98 4.01
CA GLY D 28 -5.12 -8.77 5.08
C GLY D 28 -5.05 -9.97 6.02
N ILE D 29 -5.81 -11.03 5.71
CA ILE D 29 -5.91 -12.22 6.54
C ILE D 29 -5.16 -13.36 5.86
N ILE D 30 -3.90 -13.59 6.25
CA ILE D 30 -3.06 -14.55 5.55
C ILE D 30 -2.44 -15.54 6.53
N MET D 31 -2.95 -15.61 7.77
CA MET D 31 -2.43 -16.52 8.77
C MET D 31 -3.48 -17.58 9.08
N SER D 32 -3.04 -18.83 9.25
CA SER D 32 -3.94 -19.94 9.52
C SER D 32 -4.59 -19.80 10.90
N ILE D 33 -3.86 -19.22 11.85
CA ILE D 33 -4.29 -19.17 13.24
C ILE D 33 -5.12 -17.92 13.51
N GLU D 34 -5.27 -17.04 12.51
CA GLU D 34 -5.94 -15.78 12.69
C GLU D 34 -7.46 -16.00 12.70
N LYS D 35 -8.17 -15.24 13.54
CA LYS D 35 -9.62 -15.29 13.55
C LYS D 35 -10.13 -14.60 12.27
N ASN D 36 -11.30 -15.04 11.80
CA ASN D 36 -11.88 -14.56 10.56
C ASN D 36 -11.10 -15.11 9.36
N GLU D 37 -10.69 -16.38 9.42
CA GLU D 37 -9.91 -16.98 8.34
C GLU D 37 -10.71 -18.13 7.72
N ASN D 38 -11.39 -17.84 6.59
CA ASN D 38 -12.42 -18.71 6.05
C ASN D 38 -11.93 -19.57 4.88
N GLU D 39 -10.68 -19.36 4.44
CA GLU D 39 -10.21 -19.95 3.21
C GLU D 39 -9.99 -21.45 3.42
N LEU D 40 -9.40 -21.82 4.55
CA LEU D 40 -9.14 -23.22 4.88
C LEU D 40 -10.44 -23.95 5.19
N LYS D 41 -11.39 -23.26 5.85
CA LYS D 41 -12.69 -23.82 6.15
C LYS D 41 -13.47 -24.06 4.85
N GLY D 42 -13.47 -23.05 3.97
CA GLY D 42 -14.13 -23.16 2.68
C GLY D 42 -13.63 -24.35 1.86
N LEU D 43 -12.30 -24.53 1.86
CA LEU D 43 -11.68 -25.67 1.21
C LEU D 43 -12.22 -26.96 1.82
N GLU D 44 -12.20 -27.01 3.17
CA GLU D 44 -12.55 -28.21 3.92
C GLU D 44 -13.98 -28.64 3.63
N ASN D 45 -14.88 -27.66 3.45
CA ASN D 45 -16.28 -27.95 3.18
C ASN D 45 -16.42 -28.69 1.85
N ILE D 46 -15.87 -28.10 0.78
CA ILE D 46 -15.96 -28.68 -0.54
C ILE D 46 -15.52 -30.14 -0.50
N LEU D 47 -14.41 -30.42 0.18
CA LEU D 47 -13.81 -31.75 0.17
C LEU D 47 -14.65 -32.71 1.00
N LYS D 48 -15.37 -32.20 2.00
CA LYS D 48 -16.27 -33.03 2.79
C LYS D 48 -17.49 -33.38 1.94
N LYS D 49 -18.11 -32.36 1.32
CA LYS D 49 -19.23 -32.55 0.40
C LYS D 49 -18.89 -33.58 -0.66
N THR D 50 -17.78 -33.35 -1.39
CA THR D 50 -17.42 -34.20 -2.51
C THR D 50 -17.23 -35.65 -2.03
N SER D 51 -16.69 -35.82 -0.81
CA SER D 51 -16.34 -37.14 -0.29
C SER D 51 -17.44 -37.71 0.60
N SER D 52 -18.39 -36.86 1.03
CA SER D 52 -19.45 -37.24 1.95
C SER D 52 -18.88 -37.58 3.33
N LYS D 53 -17.67 -37.10 3.62
CA LYS D 53 -17.03 -37.32 4.91
C LYS D 53 -17.42 -36.18 5.87
N GLN D 54 -17.27 -36.43 7.17
CA GLN D 54 -17.73 -35.52 8.20
C GLN D 54 -16.58 -34.68 8.77
N TYR D 55 -15.32 -35.10 8.52
CA TYR D 55 -14.18 -34.46 9.14
C TYR D 55 -13.07 -34.22 8.12
N ALA D 56 -12.49 -33.01 8.15
CA ALA D 56 -11.38 -32.63 7.28
C ALA D 56 -10.24 -32.04 8.10
N VAL D 57 -9.00 -32.35 7.71
CA VAL D 57 -7.81 -31.80 8.35
C VAL D 57 -6.78 -31.46 7.27
N THR D 58 -6.51 -30.16 7.07
CA THR D 58 -5.58 -29.73 6.03
C THR D 58 -4.16 -29.71 6.59
N PHE D 59 -3.19 -29.96 5.69
CA PHE D 59 -1.79 -30.04 6.04
C PHE D 59 -0.96 -29.27 5.00
N ASN D 60 0.27 -28.88 5.37
CA ASN D 60 1.16 -28.18 4.47
C ASN D 60 2.16 -29.15 3.85
N SER D 61 1.87 -30.45 3.99
CA SER D 61 2.77 -31.51 3.55
C SER D 61 2.01 -32.84 3.55
N ILE D 62 2.33 -33.69 2.56
CA ILE D 62 1.78 -35.04 2.52
C ILE D 62 2.18 -35.77 3.80
N SER D 63 3.41 -35.51 4.27
CA SER D 63 3.94 -36.10 5.49
C SER D 63 3.00 -35.85 6.66
N GLY D 64 2.38 -34.67 6.72
CA GLY D 64 1.45 -34.35 7.79
C GLY D 64 0.24 -35.27 7.77
N ALA D 65 -0.35 -35.44 6.58
CA ALA D 65 -1.54 -36.25 6.40
C ALA D 65 -1.26 -37.72 6.72
N VAL D 66 -0.02 -38.16 6.44
CA VAL D 66 0.39 -39.53 6.69
C VAL D 66 0.46 -39.77 8.20
N ILE D 67 1.09 -38.84 8.92
CA ILE D 67 1.23 -38.95 10.36
C ILE D 67 -0.15 -38.89 11.00
N GLY D 68 -0.94 -37.90 10.59
CA GLY D 68 -2.29 -37.70 11.09
C GLY D 68 -3.15 -38.96 10.98
N SER D 69 -2.86 -39.79 9.96
CA SER D 69 -3.60 -41.03 9.74
C SER D 69 -3.04 -42.14 10.63
N LEU D 70 -1.71 -42.21 10.75
CA LEU D 70 -1.07 -43.27 11.52
C LEU D 70 -1.31 -43.08 13.01
N TRP D 71 -0.97 -41.90 13.54
CA TRP D 71 -1.20 -41.56 14.93
C TRP D 71 -2.70 -41.43 15.19
N GLY D 72 -3.46 -41.16 14.13
CA GLY D 72 -4.91 -41.05 14.23
C GLY D 72 -5.54 -42.36 14.67
N GLN D 73 -4.84 -43.47 14.44
CA GLN D 73 -5.31 -44.81 14.76
C GLN D 73 -4.30 -45.53 15.65
N ASP D 74 -3.57 -44.75 16.46
CA ASP D 74 -2.62 -45.26 17.44
C ASP D 74 -1.62 -46.22 16.79
N ILE D 75 -1.26 -45.96 15.53
CA ILE D 75 -0.16 -46.62 14.87
C ILE D 75 1.07 -45.73 15.01
N VAL D 76 1.75 -45.87 16.15
CA VAL D 76 2.83 -44.98 16.55
C VAL D 76 4.13 -45.78 16.65
N TYR D 77 5.18 -45.14 17.18
CA TYR D 77 6.47 -45.78 17.31
C TYR D 77 6.30 -47.12 18.01
N GLY D 78 6.83 -48.19 17.40
CA GLY D 78 6.74 -49.52 17.95
C GLY D 78 5.63 -50.35 17.28
N GLU D 79 4.57 -49.67 16.81
CA GLU D 79 3.43 -50.34 16.19
C GLU D 79 3.80 -50.78 14.77
N ALA D 80 2.80 -51.31 14.05
CA ALA D 80 2.98 -51.76 12.69
C ALA D 80 1.67 -51.64 11.91
N THR D 81 1.76 -51.51 10.60
CA THR D 81 0.61 -51.55 9.71
C THR D 81 1.06 -52.08 8.36
N ASN D 82 0.18 -52.03 7.35
CA ASN D 82 0.47 -52.65 6.06
C ASN D 82 1.07 -51.63 5.09
N GLN D 83 2.40 -51.54 5.12
CA GLN D 83 3.17 -50.77 4.16
C GLN D 83 3.25 -51.53 2.83
N GLN D 84 2.19 -51.45 2.03
CA GLN D 84 2.09 -52.29 0.84
C GLN D 84 1.97 -51.42 -0.42
N SER D 85 1.02 -50.48 -0.41
CA SER D 85 0.79 -49.59 -1.55
C SER D 85 1.58 -48.30 -1.39
N LEU D 86 2.64 -48.32 -0.56
CA LEU D 86 3.43 -47.12 -0.29
C LEU D 86 4.49 -46.97 -1.38
N ASP D 87 4.77 -45.71 -1.74
CA ASP D 87 5.92 -45.37 -2.56
C ASP D 87 7.18 -45.42 -1.68
N GLU D 88 8.35 -45.21 -2.28
CA GLU D 88 9.61 -45.36 -1.56
C GLU D 88 9.72 -44.29 -0.47
N GLN D 89 9.11 -43.12 -0.71
CA GLN D 89 9.20 -42.00 0.22
C GLN D 89 8.45 -42.32 1.50
N GLN D 90 7.18 -42.72 1.36
CA GLN D 90 6.34 -43.06 2.50
C GLN D 90 6.88 -44.30 3.21
N GLU D 91 7.52 -45.22 2.47
CA GLU D 91 8.27 -46.29 3.10
C GLU D 91 9.20 -45.68 4.15
N LYS D 92 9.94 -44.64 3.76
CA LYS D 92 10.95 -44.02 4.60
C LYS D 92 10.32 -43.27 5.76
N LEU D 93 9.25 -42.52 5.49
CA LEU D 93 8.55 -41.77 6.52
C LEU D 93 8.18 -42.70 7.68
N PHE D 94 7.64 -43.88 7.34
CA PHE D 94 7.22 -44.87 8.32
C PHE D 94 8.43 -45.38 9.10
N LYS D 95 9.54 -45.62 8.40
CA LYS D 95 10.77 -46.08 9.04
C LYS D 95 11.27 -45.01 10.02
N TRP D 96 11.05 -43.73 9.69
CA TRP D 96 11.43 -42.64 10.57
C TRP D 96 10.52 -42.59 11.79
N LEU D 97 9.22 -42.81 11.56
CA LEU D 97 8.21 -42.75 12.61
C LEU D 97 8.34 -43.93 13.58
N GLY D 98 8.98 -45.02 13.13
CA GLY D 98 9.21 -46.20 13.96
C GLY D 98 8.28 -47.36 13.65
N ILE D 99 7.32 -47.16 12.73
CA ILE D 99 6.34 -48.17 12.36
C ILE D 99 6.97 -49.23 11.47
N GLY D 100 6.53 -50.50 11.65
CA GLY D 100 6.97 -51.62 10.84
C GLY D 100 5.84 -52.18 9.96
N HIS D 101 6.12 -53.28 9.27
CA HIS D 101 5.20 -53.85 8.29
C HIS D 101 4.64 -55.20 8.75
N SER D 102 3.37 -55.45 8.40
CA SER D 102 2.78 -56.77 8.45
C SER D 102 1.63 -56.87 7.45
N SER D 103 1.58 -58.00 6.73
CA SER D 103 0.60 -58.24 5.69
C SER D 103 -0.75 -58.66 6.29
N LEU D 104 -0.74 -59.06 7.57
CA LEU D 104 -1.94 -59.52 8.25
C LEU D 104 -2.88 -58.35 8.55
N LEU D 105 -2.30 -57.17 8.74
CA LEU D 105 -3.04 -55.97 9.15
C LEU D 105 -3.54 -55.24 7.91
N PRO D 106 -4.60 -54.39 8.02
CA PRO D 106 -5.08 -53.59 6.90
C PRO D 106 -4.20 -52.39 6.58
N GLU D 107 -4.47 -51.73 5.44
CA GLU D 107 -3.75 -50.55 5.03
C GLU D 107 -4.23 -49.33 5.84
N PRO D 108 -3.33 -48.40 6.23
CA PRO D 108 -3.70 -47.26 7.06
C PRO D 108 -4.51 -46.17 6.36
N TYR D 109 -4.30 -46.03 5.05
CA TYR D 109 -5.02 -45.02 4.27
C TYR D 109 -5.08 -45.44 2.80
N THR D 110 -5.93 -44.74 2.04
CA THR D 110 -5.93 -44.83 0.58
C THR D 110 -5.57 -43.44 0.04
N LEU D 111 -4.34 -43.31 -0.46
CA LEU D 111 -3.79 -42.04 -0.92
C LEU D 111 -4.12 -41.82 -2.40
N HIS D 112 -4.63 -40.63 -2.73
CA HIS D 112 -4.84 -40.23 -4.11
C HIS D 112 -4.03 -38.96 -4.40
N ALA D 113 -3.04 -39.05 -5.30
CA ALA D 113 -2.35 -37.89 -5.81
C ALA D 113 -3.27 -37.14 -6.78
N ILE D 114 -3.59 -35.89 -6.44
CA ILE D 114 -4.45 -35.05 -7.26
C ILE D 114 -3.61 -34.03 -8.03
N ASN D 115 -3.98 -33.85 -9.30
CA ASN D 115 -3.28 -32.97 -10.21
C ASN D 115 -4.33 -32.32 -11.11
N TRP D 116 -3.88 -31.71 -12.22
CA TRP D 116 -4.75 -30.88 -13.05
C TRP D 116 -5.57 -31.72 -14.01
N GLY D 117 -5.10 -32.93 -14.33
CA GLY D 117 -5.83 -33.84 -15.18
C GLY D 117 -7.05 -34.44 -14.48
N ASN D 118 -6.82 -35.01 -13.30
CA ASN D 118 -7.80 -35.86 -12.62
C ASN D 118 -8.65 -35.10 -11.61
N ILE D 119 -8.39 -33.79 -11.44
CA ILE D 119 -9.11 -32.99 -10.46
C ILE D 119 -10.59 -32.89 -10.83
N SER D 120 -10.89 -32.80 -12.13
CA SER D 120 -12.23 -32.49 -12.59
C SER D 120 -13.23 -33.56 -12.15
N ASN D 121 -12.76 -34.81 -12.08
CA ASN D 121 -13.58 -35.92 -11.64
C ASN D 121 -13.02 -36.44 -10.31
N LEU D 122 -13.21 -35.66 -9.24
CA LEU D 122 -12.68 -35.99 -7.93
C LEU D 122 -13.71 -36.75 -7.12
N GLN D 123 -15.00 -36.61 -7.49
CA GLN D 123 -16.07 -37.24 -6.74
C GLN D 123 -15.99 -38.76 -6.85
N LYS D 124 -15.71 -39.25 -8.06
CA LYS D 124 -15.60 -40.69 -8.30
C LYS D 124 -14.38 -41.23 -7.55
N ILE D 125 -13.28 -40.47 -7.52
CA ILE D 125 -12.04 -40.92 -6.92
C ILE D 125 -12.26 -41.19 -5.43
N THR D 126 -13.08 -40.35 -4.80
CA THR D 126 -13.25 -40.33 -3.36
C THR D 126 -14.51 -41.07 -2.91
N HIS D 127 -15.40 -41.43 -3.86
CA HIS D 127 -16.57 -42.23 -3.52
C HIS D 127 -16.14 -43.67 -3.28
N GLU D 128 -15.23 -43.84 -2.31
CA GLU D 128 -14.66 -45.12 -1.96
C GLU D 128 -14.72 -45.26 -0.44
N GLU D 129 -15.38 -46.31 0.05
CA GLU D 129 -15.50 -46.58 1.47
C GLU D 129 -14.15 -47.04 2.00
N ALA D 130 -13.53 -46.21 2.86
CA ALA D 130 -12.27 -46.53 3.50
C ALA D 130 -12.09 -45.66 4.74
N HIS D 131 -11.29 -46.15 5.69
CA HIS D 131 -11.07 -45.45 6.95
C HIS D 131 -10.62 -44.01 6.68
N VAL D 132 -9.52 -43.87 5.96
CA VAL D 132 -8.87 -42.58 5.77
C VAL D 132 -8.62 -42.34 4.28
N THR D 133 -9.20 -41.27 3.75
CA THR D 133 -8.81 -40.74 2.44
C THR D 133 -7.75 -39.67 2.66
N LEU D 134 -6.61 -39.84 1.96
CA LEU D 134 -5.54 -38.85 1.92
C LEU D 134 -5.45 -38.27 0.51
N LEU D 135 -5.42 -36.93 0.42
CA LEU D 135 -5.32 -36.25 -0.87
C LEU D 135 -4.06 -35.37 -0.90
N ASP D 136 -3.09 -35.77 -1.74
CA ASP D 136 -1.92 -34.95 -2.01
C ASP D 136 -2.28 -33.95 -3.11
N PHE D 137 -2.15 -32.66 -2.80
CA PHE D 137 -2.48 -31.59 -3.74
C PHE D 137 -1.21 -30.91 -4.25
N THR D 138 -0.05 -31.46 -3.89
CA THR D 138 1.23 -30.81 -4.13
C THR D 138 1.37 -30.43 -5.61
N LYS D 139 0.93 -31.33 -6.51
CA LYS D 139 1.21 -31.20 -7.93
C LYS D 139 0.23 -30.25 -8.63
N LEU D 140 -0.57 -29.50 -7.87
CA LEU D 140 -1.33 -28.40 -8.44
C LEU D 140 -0.42 -27.18 -8.60
N GLY D 141 0.74 -27.19 -7.94
CA GLY D 141 1.76 -26.16 -8.13
C GLY D 141 1.44 -24.87 -7.38
N PHE D 142 0.78 -24.99 -6.22
CA PHE D 142 0.60 -23.87 -5.31
C PHE D 142 1.44 -24.08 -4.06
N GLY D 143 2.20 -25.17 -4.03
CA GLY D 143 3.01 -25.52 -2.86
C GLY D 143 2.51 -26.84 -2.25
N PRO D 144 3.32 -27.48 -1.37
CA PRO D 144 2.95 -28.76 -0.78
C PRO D 144 1.70 -28.62 0.08
N CYS D 145 0.73 -29.53 -0.13
CA CYS D 145 -0.53 -29.50 0.59
C CYS D 145 -1.20 -30.87 0.51
N ALA D 146 -1.82 -31.28 1.62
CA ALA D 146 -2.56 -32.53 1.69
C ALA D 146 -3.77 -32.36 2.62
N VAL D 147 -4.80 -33.19 2.42
CA VAL D 147 -5.99 -33.16 3.25
C VAL D 147 -6.37 -34.58 3.64
N LEU D 148 -6.70 -34.76 4.93
CA LEU D 148 -7.17 -36.02 5.47
C LEU D 148 -8.67 -35.93 5.69
N LEU D 149 -9.40 -36.96 5.23
CA LEU D 149 -10.85 -37.02 5.30
C LEU D 149 -11.27 -38.31 6.00
N THR D 150 -12.27 -38.20 6.89
CA THR D 150 -12.75 -39.34 7.66
C THR D 150 -14.10 -39.01 8.28
N ASN D 151 -14.79 -40.05 8.79
CA ASN D 151 -15.95 -39.88 9.67
C ASN D 151 -15.55 -40.21 11.10
N ASN D 152 -14.35 -40.80 11.27
CA ASN D 152 -13.84 -41.23 12.55
C ASN D 152 -13.38 -40.01 13.34
N GLU D 153 -14.28 -39.47 14.18
CA GLU D 153 -14.03 -38.25 14.92
C GLU D 153 -12.70 -38.31 15.67
N THR D 154 -12.34 -39.50 16.16
CA THR D 154 -11.14 -39.66 16.97
C THR D 154 -9.89 -39.49 16.11
N ILE D 155 -9.97 -39.82 14.81
CA ILE D 155 -8.88 -39.58 13.88
C ILE D 155 -8.75 -38.07 13.65
N TYR D 156 -9.87 -37.42 13.35
CA TYR D 156 -9.91 -35.98 13.14
C TYR D 156 -9.21 -35.24 14.27
N LYS D 157 -9.66 -35.52 15.50
CA LYS D 157 -9.18 -34.80 16.67
C LYS D 157 -7.69 -35.07 16.89
N LYS D 158 -7.27 -36.33 16.71
CA LYS D 158 -5.86 -36.69 16.86
C LYS D 158 -5.01 -36.05 15.77
N SER D 159 -5.58 -35.88 14.58
CA SER D 159 -4.86 -35.33 13.43
C SER D 159 -4.59 -33.84 13.62
N GLU D 160 -5.60 -33.10 14.06
CA GLU D 160 -5.45 -31.67 14.30
C GLU D 160 -4.45 -31.44 15.45
N ARG D 161 -4.43 -32.35 16.44
CA ARG D 161 -3.73 -32.10 17.68
C ARG D 161 -2.23 -32.32 17.51
N LEU D 162 -1.82 -33.01 16.44
CA LEU D 162 -0.42 -33.20 16.15
C LEU D 162 0.16 -31.91 15.56
N LYS D 163 -0.73 -31.05 15.02
CA LYS D 163 -0.36 -29.72 14.57
C LYS D 163 -0.35 -28.73 15.73
N ILE D 164 0.79 -28.07 15.92
CA ILE D 164 0.87 -26.92 16.81
C ILE D 164 -0.12 -25.87 16.30
N PHE D 165 -1.07 -25.47 17.16
CA PHE D 165 -2.15 -24.58 16.79
C PHE D 165 -3.03 -25.24 15.72
N GLY D 166 -4.02 -26.01 16.16
CA GLY D 166 -5.00 -26.63 15.28
C GLY D 166 -6.39 -26.70 15.91
N ALA D 167 -6.43 -27.03 17.21
CA ALA D 167 -7.64 -26.96 18.02
C ALA D 167 -7.34 -26.31 19.37
N PHE D 168 -6.35 -25.40 19.38
CA PHE D 168 -5.95 -24.68 20.59
C PHE D 168 -6.58 -23.29 20.58
N ASP D 169 -7.65 -23.11 19.79
CA ASP D 169 -8.19 -21.79 19.47
C ASP D 169 -9.68 -21.74 19.85
N GLU D 182 -9.49 -33.54 26.36
CA GLU D 182 -8.45 -34.30 27.12
C GLU D 182 -7.77 -35.33 26.22
N ILE D 183 -7.65 -35.03 24.91
CA ILE D 183 -6.87 -35.84 23.99
C ILE D 183 -5.46 -35.27 23.93
N LYS D 184 -4.55 -35.91 24.66
CA LYS D 184 -3.24 -35.34 24.96
C LYS D 184 -2.33 -35.47 23.74
N PRO D 185 -1.57 -34.41 23.37
CA PRO D 185 -0.56 -34.50 22.31
C PRO D 185 0.84 -34.82 22.82
N GLY D 186 1.62 -35.50 21.98
CA GLY D 186 3.04 -35.75 22.24
C GLY D 186 3.92 -34.88 21.33
N LEU D 187 4.67 -35.53 20.44
CA LEU D 187 5.44 -34.82 19.42
C LEU D 187 4.49 -34.03 18.54
N GLN D 188 4.93 -32.84 18.09
CA GLN D 188 4.11 -32.01 17.25
C GLN D 188 4.95 -31.37 16.15
N PHE D 189 4.28 -30.99 15.06
CA PHE D 189 4.90 -30.38 13.90
C PHE D 189 4.09 -29.15 13.50
N ASN D 190 4.71 -28.25 12.73
CA ASN D 190 3.96 -27.19 12.07
C ASN D 190 3.61 -27.66 10.67
N PHE D 191 2.44 -28.29 10.55
CA PHE D 191 1.90 -28.68 9.26
C PHE D 191 0.71 -27.78 8.93
N ARG D 192 0.64 -26.62 9.57
CA ARG D 192 -0.40 -25.65 9.25
C ARG D 192 -0.22 -25.19 7.81
N LEU D 193 -1.33 -25.13 7.06
CA LEU D 193 -1.29 -24.72 5.67
C LEU D 193 -1.51 -23.21 5.57
N SER D 194 -0.86 -22.59 4.58
CA SER D 194 -0.98 -21.17 4.33
C SER D 194 -2.36 -20.87 3.74
N PRO D 195 -3.20 -20.02 4.39
CA PRO D 195 -4.45 -19.57 3.78
C PRO D 195 -4.30 -19.23 2.30
N LEU D 196 -3.22 -18.52 1.96
CA LEU D 196 -2.97 -18.14 0.57
C LEU D 196 -2.97 -19.39 -0.31
N VAL D 197 -2.24 -20.42 0.13
CA VAL D 197 -2.17 -21.68 -0.62
C VAL D 197 -3.54 -22.34 -0.63
N GLY D 198 -4.15 -22.48 0.56
CA GLY D 198 -5.47 -23.09 0.69
C GLY D 198 -6.50 -22.41 -0.21
N ALA D 199 -6.38 -21.09 -0.38
CA ALA D 199 -7.31 -20.33 -1.21
C ALA D 199 -7.18 -20.72 -2.67
N CYS D 200 -5.94 -21.02 -3.10
CA CYS D 200 -5.66 -21.29 -4.50
C CYS D 200 -6.23 -22.64 -4.90
N ILE D 201 -6.11 -23.61 -3.99
CA ILE D 201 -6.63 -24.96 -4.21
C ILE D 201 -8.17 -24.90 -4.18
N LYS D 202 -8.72 -24.08 -3.29
CA LYS D 202 -10.16 -23.88 -3.18
C LYS D 202 -10.74 -23.34 -4.48
N MET D 203 -9.99 -22.45 -5.14
CA MET D 203 -10.40 -21.87 -6.41
C MET D 203 -10.43 -22.97 -7.48
N ALA D 204 -9.34 -23.74 -7.56
CA ALA D 204 -9.20 -24.80 -8.54
C ALA D 204 -10.40 -25.74 -8.48
N LEU D 205 -10.72 -26.19 -7.27
CA LEU D 205 -11.85 -27.07 -7.02
C LEU D 205 -13.15 -26.46 -7.55
N ILE D 206 -13.34 -25.14 -7.36
CA ILE D 206 -14.54 -24.47 -7.79
C ILE D 206 -14.53 -24.31 -9.32
N LYS D 207 -13.38 -23.93 -9.87
CA LYS D 207 -13.25 -23.71 -11.31
C LYS D 207 -13.34 -25.04 -12.05
N MET D 208 -13.19 -26.17 -11.35
CA MET D 208 -13.29 -27.49 -11.95
C MET D 208 -14.59 -28.19 -11.53
N GLY D 209 -15.55 -27.43 -10.98
CA GLY D 209 -16.93 -27.86 -10.85
C GLY D 209 -17.18 -28.81 -9.68
N LEU D 210 -16.87 -28.35 -8.46
CA LEU D 210 -17.21 -29.07 -7.24
C LEU D 210 -17.99 -28.14 -6.30
N ASN D 211 -18.91 -27.35 -6.88
CA ASN D 211 -19.58 -26.26 -6.18
C ASN D 211 -19.03 -26.09 -4.77
S SO4 E . -7.88 18.74 -16.65
O1 SO4 E . -8.12 18.75 -18.06
O2 SO4 E . -6.52 19.13 -16.39
O3 SO4 E . -8.10 17.41 -16.13
O4 SO4 E . -8.78 19.66 -16.00
S SO4 F . 6.77 -21.78 13.18
O1 SO4 F . 6.78 -20.89 12.05
O2 SO4 F . 7.83 -21.42 14.09
O3 SO4 F . 6.99 -23.13 12.71
O4 SO4 F . 5.51 -21.68 13.85
#